data_9HR3
#
_entry.id   9HR3
#
_cell.length_a   132.370
_cell.length_b   132.370
_cell.length_c   129.990
_cell.angle_alpha   90.00
_cell.angle_beta   90.00
_cell.angle_gamma   90.00
#
_symmetry.space_group_name_H-M   'P 43 21 2'
#
loop_
_entity.id
_entity.type
_entity.pdbx_description
1 polymer '(+)-T-muurolol synthase ((2E,6E)-farnesyl diphosphate cyclizing)'
2 non-polymer 'MAGNESIUM ION'
3 non-polymer 'PYROPHOSPHATE 2-'
4 non-polymer (1~{Z},3~{E},5~{R},8~{S})-2,8-dimethyl-5-propan-2-yl-cyclodeca-1,3-diene
5 non-polymer (R,R)-2,3-BUTANEDIOL
6 non-polymer 1,2-ETHANEDIOL
7 non-polymer '2-(N-MORPHOLINO)-ETHANESULFONIC ACID'
8 water water
#
_entity_poly.entity_id   1
_entity_poly.type   'polypeptide(L)'
_entity_poly.pdbx_seq_one_letter_code
;SDQDYRARLVYPFSGAISPHADIVDQATLAWAAMFGLLTDSLRHKSRRLQYGLLAARAYPRADREMLQIAADWIAWLFFM
DDQCDETGIGRDLQRMIALHERFLAILDGATPEAHDCALTYALADLRRRLALRAPDNWLRRFSEHVRLYFTANRWETVNR
QRGATPNVATYCAARLFSGAVYACFDLIELAEQIELPFYARHHSIVQQLEQAANNIICWCNDVLSYPKEMQHGDRHNLVL
VIQGEHQCSLPEAIDRALDLHAREVATFVRKRTCVPYFDAAVNTALEKYVTGLQFWICANRDWSLTATRYA
;
_entity_poly.pdbx_strand_id   A,B
#
loop_
_chem_comp.id
_chem_comp.type
_chem_comp.name
_chem_comp.formula
A1IWZ non-polymer (1~{Z},3~{E},5~{R},8~{S})-2,8-dimethyl-5-propan-2-yl-cyclodeca-1,3-diene 'C15 H26'
BU3 non-polymer (R,R)-2,3-BUTANEDIOL 'C4 H10 O2'
EDO non-polymer 1,2-ETHANEDIOL 'C2 H6 O2'
MES non-polymer '2-(N-MORPHOLINO)-ETHANESULFONIC ACID' 'C6 H13 N O4 S'
MG non-polymer 'MAGNESIUM ION' 'Mg 2'
POP non-polymer 'PYROPHOSPHATE 2-' 'H2 O7 P2 -2'
#
# COMPACT_ATOMS: atom_id res chain seq x y z
N ASP A 4 20.45 -9.93 -31.83
CA ASP A 4 20.16 -10.49 -30.48
C ASP A 4 19.61 -9.39 -29.57
N TYR A 5 18.29 -9.24 -29.54
CA TYR A 5 17.56 -8.20 -28.75
C TYR A 5 17.78 -8.41 -27.25
N ARG A 6 18.16 -9.62 -26.80
CA ARG A 6 18.39 -9.93 -25.36
C ARG A 6 19.55 -9.07 -24.83
N ALA A 7 20.58 -8.80 -25.63
CA ALA A 7 21.78 -8.01 -25.25
C ALA A 7 21.40 -6.55 -24.92
N ARG A 8 20.16 -6.13 -25.20
CA ARG A 8 19.65 -4.77 -24.87
C ARG A 8 19.07 -4.74 -23.45
N LEU A 9 19.08 -5.87 -22.73
CA LEU A 9 18.61 -5.94 -21.33
C LEU A 9 19.80 -5.64 -20.40
N VAL A 10 20.15 -4.36 -20.27
CA VAL A 10 21.38 -3.86 -19.60
C VAL A 10 21.02 -2.85 -18.51
N TYR A 11 21.84 -2.78 -17.47
CA TYR A 11 21.67 -1.91 -16.28
C TYR A 11 23.01 -1.27 -15.99
N PRO A 12 23.06 -0.02 -15.45
CA PRO A 12 24.33 0.63 -15.10
C PRO A 12 24.85 0.17 -13.72
N PHE A 13 24.38 -0.98 -13.25
CA PHE A 13 24.83 -1.63 -12.00
C PHE A 13 24.83 -3.15 -12.24
N SER A 14 25.48 -3.91 -11.37
CA SER A 14 25.52 -5.39 -11.43
C SER A 14 25.13 -5.97 -10.07
N GLY A 15 24.94 -7.28 -10.01
CA GLY A 15 24.42 -7.98 -8.84
C GLY A 15 25.50 -8.77 -8.13
N ALA A 16 25.08 -9.78 -7.37
CA ALA A 16 25.95 -10.71 -6.64
C ALA A 16 25.15 -11.99 -6.39
N ILE A 17 25.81 -13.06 -5.96
CA ILE A 17 25.14 -14.34 -5.62
C ILE A 17 25.66 -14.81 -4.26
N SER A 18 24.76 -15.33 -3.41
CA SER A 18 25.11 -15.94 -2.11
C SER A 18 26.08 -17.10 -2.33
N PRO A 19 27.10 -17.27 -1.46
CA PRO A 19 28.00 -18.42 -1.54
C PRO A 19 27.30 -19.75 -1.25
N HIS A 20 26.08 -19.72 -0.70
CA HIS A 20 25.27 -20.91 -0.35
C HIS A 20 24.43 -21.40 -1.55
N ALA A 21 24.59 -20.80 -2.74
CA ALA A 21 23.70 -21.00 -3.92
C ALA A 21 23.35 -22.48 -4.14
N ASP A 22 24.35 -23.35 -4.27
CA ASP A 22 24.12 -24.76 -4.72
C ASP A 22 23.43 -25.55 -3.59
N ILE A 23 23.88 -25.35 -2.35
CA ILE A 23 23.28 -25.98 -1.13
C ILE A 23 21.78 -25.67 -1.10
N VAL A 24 21.44 -24.40 -1.32
CA VAL A 24 20.05 -23.90 -1.22
C VAL A 24 19.22 -24.50 -2.37
N ASP A 25 19.78 -24.59 -3.57
CA ASP A 25 19.10 -25.19 -4.75
C ASP A 25 18.76 -26.65 -4.47
N GLN A 26 19.72 -27.43 -3.96
CA GLN A 26 19.53 -28.87 -3.63
C GLN A 26 18.40 -28.97 -2.59
N ALA A 27 18.39 -28.09 -1.60
CA ALA A 27 17.40 -28.10 -0.49
C ALA A 27 16.01 -27.71 -1.01
N THR A 28 15.93 -26.80 -1.98
CA THR A 28 14.64 -26.40 -2.60
C THR A 28 14.06 -27.58 -3.39
N LEU A 29 14.88 -28.35 -4.11
CA LEU A 29 14.42 -29.60 -4.79
C LEU A 29 13.91 -30.59 -3.75
N ALA A 30 14.64 -30.81 -2.67
CA ALA A 30 14.26 -31.78 -1.61
C ALA A 30 12.93 -31.32 -0.99
N TRP A 31 12.75 -30.00 -0.83
CA TRP A 31 11.53 -29.37 -0.27
C TRP A 31 10.34 -29.63 -1.20
N ALA A 32 10.53 -29.38 -2.51
CA ALA A 32 9.52 -29.64 -3.56
C ALA A 32 9.08 -31.11 -3.51
N ALA A 33 10.02 -32.05 -3.40
CA ALA A 33 9.74 -33.51 -3.30
C ALA A 33 8.98 -33.80 -1.99
N MET A 34 9.43 -33.25 -0.87
CA MET A 34 8.82 -33.43 0.48
C MET A 34 7.33 -33.02 0.44
N PHE A 35 7.00 -31.90 -0.17
CA PHE A 35 5.63 -31.31 -0.15
C PHE A 35 4.81 -31.77 -1.37
N GLY A 36 5.40 -32.59 -2.25
CA GLY A 36 4.69 -33.24 -3.37
C GLY A 36 4.38 -32.26 -4.49
N LEU A 37 5.32 -31.37 -4.84
CA LEU A 37 5.11 -30.31 -5.85
C LEU A 37 5.72 -30.69 -7.21
N LEU A 38 6.50 -31.77 -7.28
CA LEU A 38 7.18 -32.21 -8.53
C LEU A 38 6.25 -33.18 -9.28
N THR A 39 5.78 -32.77 -10.46
CA THR A 39 4.72 -33.46 -11.23
C THR A 39 5.32 -34.62 -12.04
N ASP A 40 4.47 -35.39 -12.71
CA ASP A 40 4.83 -36.63 -13.45
C ASP A 40 5.84 -36.30 -14.56
N SER A 41 5.54 -35.28 -15.37
CA SER A 41 6.34 -34.81 -16.55
C SER A 41 7.80 -34.53 -16.15
N LEU A 42 8.02 -34.01 -14.94
CA LEU A 42 9.36 -33.69 -14.39
C LEU A 42 9.91 -34.91 -13.66
N ARG A 43 11.07 -35.43 -14.10
CA ARG A 43 11.88 -36.40 -13.31
C ARG A 43 13.36 -36.01 -13.38
N HIS A 44 13.91 -35.94 -14.59
CA HIS A 44 15.31 -35.55 -14.90
C HIS A 44 15.35 -34.05 -15.27
N LYS A 45 14.18 -33.46 -15.54
CA LYS A 45 13.99 -32.01 -15.80
C LYS A 45 14.05 -31.23 -14.48
N SER A 46 13.61 -31.87 -13.39
CA SER A 46 13.65 -31.34 -11.99
C SER A 46 15.03 -30.78 -11.64
N ARG A 47 16.10 -31.50 -12.00
CA ARG A 47 17.51 -31.16 -11.63
C ARG A 47 17.87 -29.78 -12.18
N ARG A 48 17.24 -29.39 -13.30
CA ARG A 48 17.63 -28.21 -14.14
C ARG A 48 16.76 -26.99 -13.83
N LEU A 49 15.82 -27.08 -12.87
CA LEU A 49 14.90 -25.96 -12.51
C LEU A 49 15.71 -24.79 -11.96
N GLN A 50 16.60 -25.06 -11.01
CA GLN A 50 17.62 -24.11 -10.48
C GLN A 50 16.94 -22.90 -9.84
N TYR A 51 15.76 -23.11 -9.24
CA TYR A 51 14.99 -22.05 -8.55
C TYR A 51 15.82 -21.44 -7.41
N GLY A 52 16.57 -22.27 -6.68
CA GLY A 52 17.48 -21.82 -5.60
C GLY A 52 18.55 -20.86 -6.09
N LEU A 53 19.00 -20.99 -7.34
CA LEU A 53 20.07 -20.12 -7.92
C LEU A 53 19.51 -18.73 -8.25
N LEU A 54 18.18 -18.59 -8.41
CA LEU A 54 17.53 -17.26 -8.57
C LEU A 54 17.50 -16.56 -7.20
N ALA A 55 17.04 -17.27 -6.17
CA ALA A 55 16.99 -16.79 -4.77
C ALA A 55 18.39 -16.33 -4.33
N ALA A 56 19.42 -17.13 -4.60
CA ALA A 56 20.82 -16.84 -4.21
C ALA A 56 21.27 -15.50 -4.78
N ARG A 57 20.79 -15.14 -5.99
CA ARG A 57 21.10 -13.87 -6.68
C ARG A 57 20.24 -12.72 -6.12
N ALA A 58 18.98 -12.97 -5.78
CA ALA A 58 18.00 -11.97 -5.31
C ALA A 58 18.33 -11.49 -3.90
N TYR A 59 18.80 -12.38 -3.03
CA TYR A 59 19.12 -12.10 -1.61
C TYR A 59 20.54 -12.56 -1.31
N PRO A 60 21.57 -11.98 -1.98
CA PRO A 60 22.93 -12.54 -1.92
C PRO A 60 23.64 -12.44 -0.57
N ARG A 61 23.19 -11.58 0.35
CA ARG A 61 23.83 -11.36 1.66
C ARG A 61 23.08 -12.07 2.79
N ALA A 62 21.97 -12.74 2.49
CA ALA A 62 21.08 -13.38 3.50
C ALA A 62 21.81 -14.54 4.20
N ASP A 63 21.51 -14.75 5.49
CA ASP A 63 21.90 -15.97 6.25
C ASP A 63 21.25 -17.16 5.55
N ARG A 64 21.87 -18.34 5.63
CA ARG A 64 21.46 -19.54 4.86
C ARG A 64 19.99 -19.88 5.17
N GLU A 65 19.57 -19.78 6.44
CA GLU A 65 18.20 -20.16 6.88
C GLU A 65 17.16 -19.26 6.19
N MET A 66 17.37 -17.95 6.21
CA MET A 66 16.47 -16.94 5.58
C MET A 66 16.47 -17.13 4.07
N LEU A 67 17.65 -17.34 3.48
CA LEU A 67 17.79 -17.59 2.01
C LEU A 67 16.95 -18.81 1.62
N GLN A 68 16.95 -19.86 2.45
CA GLN A 68 16.22 -21.12 2.14
C GLN A 68 14.70 -20.85 2.11
N ILE A 69 14.18 -20.03 3.02
CA ILE A 69 12.74 -19.61 3.00
C ILE A 69 12.47 -18.91 1.66
N ALA A 70 13.33 -17.99 1.23
CA ALA A 70 13.16 -17.21 -0.01
C ALA A 70 13.18 -18.13 -1.22
N ALA A 71 14.10 -19.11 -1.21
CA ALA A 71 14.26 -20.07 -2.34
C ALA A 71 13.01 -20.95 -2.46
N ASP A 72 12.54 -21.48 -1.33
CA ASP A 72 11.34 -22.36 -1.25
C ASP A 72 10.11 -21.55 -1.73
N TRP A 73 9.99 -20.28 -1.30
CA TRP A 73 8.92 -19.35 -1.73
C TRP A 73 8.98 -19.11 -3.24
N ILE A 74 10.17 -18.83 -3.78
CA ILE A 74 10.35 -18.60 -5.23
C ILE A 74 9.93 -19.87 -5.98
N ALA A 75 10.31 -21.05 -5.50
CA ALA A 75 9.92 -22.35 -6.12
C ALA A 75 8.40 -22.49 -6.09
N TRP A 76 7.78 -22.23 -4.93
CA TRP A 76 6.29 -22.26 -4.76
C TRP A 76 5.65 -21.42 -5.87
N LEU A 77 6.14 -20.19 -6.07
CA LEU A 77 5.57 -19.24 -7.05
C LEU A 77 5.71 -19.82 -8.47
N PHE A 78 6.85 -20.42 -8.80
CA PHE A 78 7.03 -21.07 -10.12
C PHE A 78 6.04 -22.24 -10.29
N PHE A 79 5.87 -23.08 -9.27
CA PHE A 79 4.97 -24.25 -9.32
C PHE A 79 3.51 -23.76 -9.52
N MET A 80 3.10 -22.75 -8.76
CA MET A 80 1.75 -22.15 -8.87
C MET A 80 1.59 -21.57 -10.28
N ASP A 81 2.62 -20.88 -10.76
CA ASP A 81 2.57 -20.14 -12.05
C ASP A 81 2.35 -21.10 -13.21
N ASP A 82 3.00 -22.28 -13.19
CA ASP A 82 2.87 -23.24 -14.31
C ASP A 82 1.48 -23.87 -14.30
N GLN A 83 0.86 -24.00 -13.12
CA GLN A 83 -0.57 -24.43 -13.02
C GLN A 83 -1.43 -23.36 -13.69
N CYS A 84 -1.25 -22.08 -13.31
CA CYS A 84 -2.01 -20.92 -13.84
C CYS A 84 -1.86 -20.83 -15.37
N ASP A 85 -0.63 -20.94 -15.86
CA ASP A 85 -0.24 -20.49 -17.23
C ASP A 85 -0.19 -21.66 -18.22
N GLU A 86 -0.17 -22.91 -17.77
CA GLU A 86 0.04 -24.07 -18.68
C GLU A 86 -0.93 -25.21 -18.39
N THR A 87 -1.92 -25.06 -17.51
CA THR A 87 -2.94 -26.11 -17.26
C THR A 87 -4.35 -25.50 -17.28
N GLY A 88 -5.37 -26.36 -17.22
CA GLY A 88 -6.80 -25.99 -17.29
C GLY A 88 -7.21 -25.03 -16.17
N ILE A 89 -6.57 -25.04 -15.00
CA ILE A 89 -7.07 -24.24 -13.84
C ILE A 89 -7.04 -22.74 -14.21
N GLY A 90 -6.08 -22.31 -15.02
CA GLY A 90 -5.93 -20.90 -15.46
C GLY A 90 -7.00 -20.46 -16.45
N ARG A 91 -7.87 -21.38 -16.89
CA ARG A 91 -9.03 -21.10 -17.79
CA ARG A 91 -9.03 -21.06 -17.78
C ARG A 91 -10.34 -21.35 -17.04
N ASP A 92 -10.29 -21.60 -15.72
CA ASP A 92 -11.48 -21.99 -14.92
C ASP A 92 -11.59 -21.13 -13.64
N LEU A 93 -12.33 -20.02 -13.70
CA LEU A 93 -12.39 -19.04 -12.58
C LEU A 93 -12.91 -19.74 -11.31
N GLN A 94 -13.93 -20.59 -11.42
CA GLN A 94 -14.58 -21.22 -10.23
C GLN A 94 -13.60 -22.17 -9.52
N ARG A 95 -12.77 -22.91 -10.26
CA ARG A 95 -11.73 -23.80 -9.67
C ARG A 95 -10.64 -22.96 -9.02
N MET A 96 -10.25 -21.87 -9.66
CA MET A 96 -9.22 -20.93 -9.14
C MET A 96 -9.71 -20.27 -7.83
N ILE A 97 -11.00 -19.89 -7.76
CA ILE A 97 -11.60 -19.26 -6.54
C ILE A 97 -11.57 -20.28 -5.39
N ALA A 98 -11.98 -21.52 -5.63
CA ALA A 98 -12.01 -22.60 -4.61
C ALA A 98 -10.60 -22.81 -4.06
N LEU A 99 -9.59 -22.86 -4.93
CA LEU A 99 -8.16 -22.99 -4.51
C LEU A 99 -7.76 -21.78 -3.66
N HIS A 100 -8.01 -20.56 -4.15
CA HIS A 100 -7.62 -19.31 -3.47
C HIS A 100 -8.28 -19.21 -2.09
N GLU A 101 -9.52 -19.68 -1.94
CA GLU A 101 -10.22 -19.70 -0.62
C GLU A 101 -9.37 -20.49 0.38
N ARG A 102 -8.77 -21.60 -0.05
CA ARG A 102 -7.92 -22.45 0.81
C ARG A 102 -6.62 -21.70 1.14
N PHE A 103 -5.95 -21.10 0.15
CA PHE A 103 -4.70 -20.32 0.37
C PHE A 103 -4.97 -19.17 1.34
N LEU A 104 -6.10 -18.46 1.18
CA LEU A 104 -6.41 -17.27 2.02
C LEU A 104 -6.64 -17.71 3.47
N ALA A 105 -7.27 -18.86 3.69
CA ALA A 105 -7.48 -19.42 5.05
C ALA A 105 -6.12 -19.74 5.68
N ILE A 106 -5.19 -20.29 4.90
CA ILE A 106 -3.81 -20.62 5.35
C ILE A 106 -3.04 -19.30 5.63
N LEU A 107 -3.24 -18.25 4.83
CA LEU A 107 -2.52 -16.96 5.10
C LEU A 107 -3.03 -16.32 6.39
N ASP A 108 -4.28 -16.62 6.79
CA ASP A 108 -4.86 -16.18 8.08
C ASP A 108 -4.41 -17.11 9.22
N GLY A 109 -3.65 -18.16 8.94
CA GLY A 109 -2.99 -19.01 9.94
C GLY A 109 -3.75 -20.31 10.22
N ALA A 110 -4.79 -20.63 9.45
CA ALA A 110 -5.53 -21.91 9.57
C ALA A 110 -4.61 -23.07 9.16
N THR A 111 -4.80 -24.22 9.79
CA THR A 111 -4.09 -25.49 9.49
C THR A 111 -4.74 -26.15 8.28
N PRO A 112 -3.96 -26.66 7.30
CA PRO A 112 -4.55 -27.42 6.19
C PRO A 112 -5.38 -28.62 6.65
N GLU A 113 -6.44 -28.94 5.90
CA GLU A 113 -7.31 -30.14 6.11
C GLU A 113 -6.69 -31.32 5.38
N ALA A 114 -7.15 -32.53 5.69
CA ALA A 114 -6.65 -33.81 5.11
C ALA A 114 -6.62 -33.71 3.58
N HIS A 115 -7.67 -33.14 2.96
CA HIS A 115 -7.89 -33.16 1.49
C HIS A 115 -7.42 -31.86 0.84
N ASP A 116 -6.73 -30.98 1.56
CA ASP A 116 -6.07 -29.79 0.95
C ASP A 116 -4.92 -30.27 0.06
N CYS A 117 -4.64 -29.57 -1.04
CA CYS A 117 -3.62 -29.96 -2.06
C CYS A 117 -2.21 -29.61 -1.58
N ALA A 118 -1.21 -30.12 -2.32
CA ALA A 118 0.23 -29.95 -2.03
C ALA A 118 0.57 -28.45 -1.92
N LEU A 119 0.06 -27.62 -2.83
CA LEU A 119 0.41 -26.17 -2.86
C LEU A 119 -0.10 -25.49 -1.56
N THR A 120 -1.26 -25.88 -1.05
CA THR A 120 -1.83 -25.33 0.21
C THR A 120 -0.94 -25.71 1.38
N TYR A 121 -0.52 -26.98 1.48
CA TYR A 121 0.37 -27.48 2.56
C TYR A 121 1.71 -26.75 2.52
N ALA A 122 2.31 -26.63 1.34
CA ALA A 122 3.61 -25.96 1.12
C ALA A 122 3.50 -24.48 1.50
N LEU A 123 2.39 -23.82 1.15
CA LEU A 123 2.16 -22.39 1.50
C LEU A 123 2.09 -22.26 3.03
N ALA A 124 1.44 -23.21 3.71
CA ALA A 124 1.31 -23.22 5.18
C ALA A 124 2.68 -23.36 5.83
N ASP A 125 3.56 -24.17 5.22
CA ASP A 125 4.95 -24.40 5.68
C ASP A 125 5.72 -23.07 5.63
N LEU A 126 5.61 -22.36 4.52
CA LEU A 126 6.33 -21.08 4.32
C LEU A 126 5.81 -20.03 5.32
N ARG A 127 4.50 -19.99 5.57
CA ARG A 127 3.93 -19.03 6.54
C ARG A 127 4.48 -19.34 7.93
N ARG A 128 4.50 -20.62 8.31
CA ARG A 128 5.00 -21.10 9.64
C ARG A 128 6.45 -20.64 9.83
N ARG A 129 7.30 -20.85 8.82
CA ARG A 129 8.75 -20.53 8.87
C ARG A 129 8.94 -19.01 8.89
N LEU A 130 8.10 -18.26 8.19
CA LEU A 130 8.19 -16.77 8.19
C LEU A 130 7.76 -16.21 9.55
N ALA A 131 6.72 -16.78 10.18
CA ALA A 131 6.20 -16.36 11.51
C ALA A 131 7.29 -16.50 12.59
N LEU A 132 8.23 -17.43 12.43
CA LEU A 132 9.37 -17.63 13.36
C LEU A 132 10.39 -16.49 13.22
N ARG A 133 10.45 -15.83 12.06
CA ARG A 133 11.54 -14.89 11.66
C ARG A 133 11.04 -13.44 11.60
N ALA A 134 9.73 -13.20 11.52
CA ALA A 134 9.15 -11.87 11.21
C ALA A 134 8.07 -11.50 12.21
N PRO A 135 7.89 -10.20 12.53
CA PRO A 135 6.78 -9.75 13.37
C PRO A 135 5.44 -9.71 12.59
N ASP A 136 4.33 -9.60 13.32
CA ASP A 136 2.94 -9.59 12.77
C ASP A 136 2.82 -8.51 11.69
N ASN A 137 3.32 -7.31 11.96
CA ASN A 137 3.30 -6.15 11.01
C ASN A 137 3.78 -6.66 9.64
N TRP A 138 4.95 -7.30 9.61
CA TRP A 138 5.60 -7.76 8.36
C TRP A 138 4.73 -8.83 7.71
N LEU A 139 4.23 -9.77 8.50
CA LEU A 139 3.46 -10.95 8.04
C LEU A 139 2.15 -10.47 7.39
N ARG A 140 1.53 -9.42 7.94
CA ARG A 140 0.29 -8.83 7.36
C ARG A 140 0.59 -8.17 6.00
N ARG A 141 1.73 -7.48 5.86
CA ARG A 141 2.12 -6.78 4.61
C ARG A 141 2.44 -7.83 3.53
N PHE A 142 3.24 -8.84 3.86
CA PHE A 142 3.55 -9.98 2.96
C PHE A 142 2.23 -10.63 2.50
N SER A 143 1.39 -11.02 3.46
CA SER A 143 0.12 -11.75 3.20
C SER A 143 -0.74 -10.96 2.21
N GLU A 144 -0.85 -9.64 2.37
CA GLU A 144 -1.70 -8.79 1.51
C GLU A 144 -1.11 -8.76 0.10
N HIS A 145 0.23 -8.68 -0.03
CA HIS A 145 0.92 -8.72 -1.35
C HIS A 145 0.63 -10.06 -2.02
N VAL A 146 0.59 -11.15 -1.25
CA VAL A 146 0.29 -12.50 -1.80
C VAL A 146 -1.20 -12.55 -2.19
N ARG A 147 -2.12 -12.04 -1.37
CA ARG A 147 -3.57 -11.95 -1.72
C ARG A 147 -3.73 -11.23 -3.06
N LEU A 148 -2.93 -10.18 -3.32
CA LEU A 148 -3.06 -9.34 -4.52
C LEU A 148 -2.52 -10.08 -5.75
N TYR A 149 -1.53 -10.96 -5.55
CA TYR A 149 -1.03 -11.90 -6.58
C TYR A 149 -2.14 -12.88 -6.99
N PHE A 150 -2.84 -13.47 -6.03
CA PHE A 150 -4.01 -14.37 -6.30
C PHE A 150 -5.08 -13.61 -7.08
N THR A 151 -5.43 -12.39 -6.67
CA THR A 151 -6.45 -11.54 -7.33
C THR A 151 -6.03 -11.33 -8.79
N ALA A 152 -4.75 -11.02 -9.02
CA ALA A 152 -4.15 -10.84 -10.37
C ALA A 152 -4.27 -12.14 -11.19
N ASN A 153 -4.05 -13.31 -10.58
CA ASN A 153 -4.13 -14.61 -11.31
C ASN A 153 -5.59 -14.84 -11.73
N ARG A 154 -6.56 -14.50 -10.87
CA ARG A 154 -8.02 -14.58 -11.21
C ARG A 154 -8.32 -13.59 -12.35
N TRP A 155 -7.68 -12.42 -12.35
CA TRP A 155 -7.80 -11.42 -13.44
C TRP A 155 -7.29 -12.04 -14.76
N GLU A 156 -6.12 -12.69 -14.74
CA GLU A 156 -5.56 -13.39 -15.93
C GLU A 156 -6.55 -14.44 -16.44
N THR A 157 -7.14 -15.22 -15.53
CA THR A 157 -8.09 -16.33 -15.84
C THR A 157 -9.32 -15.78 -16.58
N VAL A 158 -9.86 -14.64 -16.14
CA VAL A 158 -11.03 -14.00 -16.80
C VAL A 158 -10.63 -13.56 -18.21
N ASN A 159 -9.42 -13.02 -18.39
CA ASN A 159 -8.90 -12.59 -19.72
C ASN A 159 -8.90 -13.80 -20.65
N ARG A 160 -8.40 -14.95 -20.18
CA ARG A 160 -8.29 -16.20 -20.98
C ARG A 160 -9.69 -16.72 -21.33
N GLN A 161 -10.62 -16.73 -20.37
CA GLN A 161 -12.03 -17.20 -20.57
C GLN A 161 -12.75 -16.28 -21.58
N ARG A 162 -12.46 -14.97 -21.56
CA ARG A 162 -13.15 -13.97 -22.41
C ARG A 162 -12.44 -13.83 -23.76
N GLY A 163 -11.19 -14.30 -23.84
CA GLY A 163 -10.32 -14.16 -25.02
C GLY A 163 -10.00 -12.70 -25.29
N ALA A 164 -9.77 -11.91 -24.22
CA ALA A 164 -9.64 -10.45 -24.26
C ALA A 164 -8.24 -10.04 -23.79
N THR A 165 -7.40 -9.59 -24.72
CA THR A 165 -6.06 -9.02 -24.39
C THR A 165 -6.26 -7.64 -23.76
N PRO A 166 -5.72 -7.40 -22.55
CA PRO A 166 -5.83 -6.08 -21.93
C PRO A 166 -5.06 -5.00 -22.71
N ASN A 167 -5.46 -3.73 -22.57
CA ASN A 167 -4.75 -2.57 -23.16
C ASN A 167 -3.45 -2.38 -22.35
N VAL A 168 -2.55 -1.54 -22.82
CA VAL A 168 -1.20 -1.38 -22.20
C VAL A 168 -1.37 -0.89 -20.75
N ALA A 169 -2.22 0.12 -20.52
CA ALA A 169 -2.40 0.75 -19.19
C ALA A 169 -2.91 -0.29 -18.17
N THR A 170 -3.93 -1.06 -18.54
CA THR A 170 -4.51 -2.12 -17.68
C THR A 170 -3.46 -3.20 -17.44
N TYR A 171 -2.83 -3.70 -18.51
CA TYR A 171 -1.82 -4.77 -18.38
C TYR A 171 -0.71 -4.35 -17.41
N CYS A 172 -0.11 -3.17 -17.62
CA CYS A 172 1.07 -2.73 -16.81
C CYS A 172 0.66 -2.57 -15.34
N ALA A 173 -0.55 -2.08 -15.08
CA ALA A 173 -1.10 -1.87 -13.72
C ALA A 173 -1.30 -3.22 -13.02
N ALA A 174 -1.80 -4.24 -13.74
CA ALA A 174 -2.08 -5.59 -13.20
C ALA A 174 -0.79 -6.40 -13.09
N ARG A 175 0.14 -6.21 -14.04
CA ARG A 175 1.41 -6.99 -14.12
C ARG A 175 2.23 -6.77 -12.85
N LEU A 176 2.08 -5.61 -12.20
CA LEU A 176 2.79 -5.26 -10.94
C LEU A 176 2.38 -6.23 -9.83
N PHE A 177 1.23 -6.91 -9.95
CA PHE A 177 0.72 -7.90 -8.95
C PHE A 177 0.84 -9.35 -9.44
N SER A 178 0.75 -9.61 -10.74
CA SER A 178 0.70 -10.98 -11.33
C SER A 178 2.04 -11.70 -11.17
N GLY A 179 3.15 -10.97 -11.05
CA GLY A 179 4.50 -11.54 -10.86
C GLY A 179 4.86 -11.80 -9.41
N ALA A 180 4.07 -11.28 -8.45
CA ALA A 180 4.28 -11.40 -6.99
C ALA A 180 5.58 -10.71 -6.53
N VAL A 181 6.10 -9.77 -7.31
CA VAL A 181 7.41 -9.11 -7.05
C VAL A 181 7.35 -8.34 -5.72
N TYR A 182 6.22 -7.72 -5.38
CA TYR A 182 6.09 -6.93 -4.13
C TYR A 182 6.28 -7.85 -2.91
N ALA A 183 5.76 -9.08 -2.96
CA ALA A 183 5.94 -10.09 -1.89
C ALA A 183 7.42 -10.47 -1.78
N CYS A 184 8.12 -10.55 -2.91
CA CYS A 184 9.57 -10.86 -2.94
C CYS A 184 10.37 -9.67 -2.37
N PHE A 185 9.95 -8.43 -2.66
CA PHE A 185 10.56 -7.21 -2.07
C PHE A 185 10.40 -7.23 -0.54
N ASP A 186 9.24 -7.66 -0.02
CA ASP A 186 9.02 -7.72 1.45
C ASP A 186 10.13 -8.55 2.10
N LEU A 187 10.61 -9.62 1.47
CA LEU A 187 11.63 -10.53 2.05
C LEU A 187 13.01 -9.82 2.17
N ILE A 188 13.24 -8.72 1.45
CA ILE A 188 14.53 -7.97 1.51
C ILE A 188 14.77 -7.53 2.96
N GLU A 189 13.72 -7.08 3.64
CA GLU A 189 13.77 -6.59 5.05
C GLU A 189 14.35 -7.68 5.95
N LEU A 190 13.88 -8.93 5.78
CA LEU A 190 14.30 -10.10 6.59
C LEU A 190 15.72 -10.50 6.21
N ALA A 191 16.04 -10.55 4.90
CA ALA A 191 17.38 -10.89 4.37
C ALA A 191 18.42 -9.92 4.94
N GLU A 192 18.13 -8.61 4.92
CA GLU A 192 19.06 -7.52 5.35
C GLU A 192 18.90 -7.20 6.84
N GLN A 193 17.90 -7.77 7.52
CA GLN A 193 17.61 -7.56 8.97
C GLN A 193 17.54 -6.05 9.23
N ILE A 194 16.66 -5.37 8.50
CA ILE A 194 16.43 -3.91 8.64
C ILE A 194 15.00 -3.68 9.13
N GLU A 195 14.81 -2.67 9.96
CA GLU A 195 13.50 -2.24 10.51
C GLU A 195 13.30 -0.78 10.11
N LEU A 196 12.56 -0.54 9.03
CA LEU A 196 12.21 0.83 8.54
C LEU A 196 10.98 1.30 9.30
N PRO A 197 10.98 2.54 9.84
CA PRO A 197 9.76 3.11 10.42
C PRO A 197 8.69 3.34 9.33
N PHE A 198 7.42 3.33 9.73
CA PHE A 198 6.21 3.50 8.87
C PHE A 198 6.42 4.61 7.83
N TYR A 199 6.91 5.79 8.24
CA TYR A 199 6.94 7.02 7.39
C TYR A 199 7.94 6.83 6.25
N ALA A 200 9.00 6.04 6.47
CA ALA A 200 10.05 5.73 5.47
C ALA A 200 9.57 4.57 4.58
N ARG A 201 9.05 3.49 5.18
CA ARG A 201 8.60 2.27 4.47
C ARG A 201 7.60 2.64 3.37
N HIS A 202 6.72 3.63 3.62
CA HIS A 202 5.58 3.97 2.72
C HIS A 202 5.81 5.31 2.01
N HIS A 203 7.01 5.87 2.08
CA HIS A 203 7.34 7.18 1.46
C HIS A 203 7.15 7.09 -0.06
N SER A 204 6.58 8.14 -0.67
CA SER A 204 6.23 8.19 -2.11
C SER A 204 7.43 7.82 -2.98
N ILE A 205 8.66 8.23 -2.62
CA ILE A 205 9.89 7.93 -3.42
C ILE A 205 10.20 6.42 -3.30
N VAL A 206 10.04 5.84 -2.11
CA VAL A 206 10.26 4.36 -1.92
C VAL A 206 9.24 3.58 -2.77
N GLN A 207 7.96 3.98 -2.72
CA GLN A 207 6.88 3.33 -3.51
C GLN A 207 7.24 3.41 -4.99
N GLN A 208 7.75 4.56 -5.44
CA GLN A 208 8.08 4.80 -6.87
C GLN A 208 9.31 3.96 -7.28
N LEU A 209 10.29 3.81 -6.39
CA LEU A 209 11.48 2.96 -6.64
C LEU A 209 11.03 1.49 -6.73
N GLU A 210 10.12 1.06 -5.85
CA GLU A 210 9.56 -0.31 -5.85
C GLU A 210 8.79 -0.54 -7.16
N GLN A 211 7.99 0.44 -7.58
CA GLN A 211 7.16 0.34 -8.81
C GLN A 211 8.09 0.20 -10.01
N ALA A 212 9.14 1.04 -10.07
CA ALA A 212 10.12 1.04 -11.20
C ALA A 212 10.85 -0.31 -11.25
N ALA A 213 11.33 -0.81 -10.11
CA ALA A 213 12.08 -2.10 -10.04
C ALA A 213 11.17 -3.24 -10.49
N ASN A 214 9.93 -3.26 -10.03
CA ASN A 214 8.88 -4.25 -10.37
C ASN A 214 8.63 -4.21 -11.88
N ASN A 215 8.36 -3.03 -12.44
CA ASN A 215 8.18 -2.84 -13.91
C ASN A 215 9.38 -3.42 -14.68
N ILE A 216 10.61 -3.02 -14.31
CA ILE A 216 11.84 -3.45 -15.02
C ILE A 216 11.88 -4.98 -15.05
N ILE A 217 11.70 -5.60 -13.88
CA ILE A 217 11.79 -7.06 -13.68
C ILE A 217 10.72 -7.74 -14.56
N CYS A 218 9.47 -7.27 -14.49
CA CYS A 218 8.33 -7.88 -15.24
C CYS A 218 8.50 -7.70 -16.75
N TRP A 219 8.94 -6.52 -17.19
CA TRP A 219 9.06 -6.23 -18.64
C TRP A 219 10.27 -7.00 -19.21
N CYS A 220 11.32 -7.16 -18.41
CA CYS A 220 12.48 -8.03 -18.74
C CYS A 220 12.00 -9.47 -18.95
N ASN A 221 11.22 -9.99 -17.99
CA ASN A 221 10.63 -11.35 -18.07
C ASN A 221 9.76 -11.47 -19.34
N ASP A 222 8.97 -10.44 -19.64
CA ASP A 222 8.02 -10.45 -20.77
C ASP A 222 8.82 -10.64 -22.08
N VAL A 223 9.96 -9.95 -22.23
CA VAL A 223 10.80 -10.03 -23.46
C VAL A 223 11.38 -11.44 -23.58
N LEU A 224 11.71 -12.06 -22.45
CA LEU A 224 12.39 -13.39 -22.42
C LEU A 224 11.36 -14.52 -22.49
N SER A 225 10.08 -14.27 -22.14
CA SER A 225 9.05 -15.34 -22.01
C SER A 225 7.93 -15.24 -23.06
N TYR A 226 7.95 -14.28 -24.00
CA TYR A 226 6.88 -14.19 -25.04
C TYR A 226 6.83 -15.49 -25.87
N PRO A 227 7.96 -16.13 -26.25
CA PRO A 227 7.89 -17.37 -27.04
C PRO A 227 7.07 -18.51 -26.40
N LYS A 228 7.38 -18.89 -25.16
CA LYS A 228 6.69 -20.04 -24.49
C LYS A 228 5.24 -19.64 -24.21
N GLU A 229 4.99 -18.36 -23.93
CA GLU A 229 3.64 -17.83 -23.63
C GLU A 229 2.80 -17.86 -24.92
N MET A 230 3.38 -17.49 -26.05
CA MET A 230 2.72 -17.63 -27.38
C MET A 230 2.44 -19.11 -27.66
N GLN A 231 3.35 -20.02 -27.31
CA GLN A 231 3.18 -21.47 -27.53
C GLN A 231 1.92 -21.96 -26.78
N HIS A 232 1.55 -21.32 -25.66
CA HIS A 232 0.36 -21.70 -24.84
C HIS A 232 -0.85 -20.81 -25.14
N GLY A 233 -0.80 -19.97 -26.18
CA GLY A 233 -1.92 -19.08 -26.55
C GLY A 233 -2.26 -18.10 -25.44
N ASP A 234 -1.25 -17.66 -24.68
CA ASP A 234 -1.44 -16.73 -23.52
C ASP A 234 -1.38 -15.29 -24.06
N ARG A 235 -1.72 -14.31 -23.24
CA ARG A 235 -1.86 -12.88 -23.66
C ARG A 235 -1.36 -11.93 -22.55
N HIS A 236 -0.60 -12.43 -21.57
CA HIS A 236 -0.14 -11.65 -20.39
C HIS A 236 1.36 -11.36 -20.51
N ASN A 237 1.66 -10.41 -21.39
CA ASN A 237 3.04 -10.15 -21.89
C ASN A 237 3.04 -8.79 -22.58
N LEU A 238 3.92 -7.88 -22.15
CA LEU A 238 3.98 -6.49 -22.69
C LEU A 238 4.16 -6.52 -24.21
N VAL A 239 4.91 -7.50 -24.74
CA VAL A 239 5.17 -7.62 -26.21
C VAL A 239 3.83 -7.85 -26.92
N LEU A 240 3.05 -8.83 -26.49
CA LEU A 240 1.77 -9.25 -27.13
C LEU A 240 0.73 -8.14 -26.95
N VAL A 241 0.72 -7.50 -25.78
CA VAL A 241 -0.20 -6.39 -25.41
C VAL A 241 0.08 -5.16 -26.30
N ILE A 242 1.36 -4.80 -26.47
CA ILE A 242 1.81 -3.67 -27.34
C ILE A 242 1.40 -3.97 -28.78
N GLN A 243 1.64 -5.20 -29.24
CA GLN A 243 1.32 -5.65 -30.62
C GLN A 243 -0.16 -5.43 -30.91
N GLY A 244 -1.04 -5.83 -29.97
CA GLY A 244 -2.50 -5.62 -30.07
C GLY A 244 -2.86 -4.16 -30.11
N GLU A 245 -2.32 -3.35 -29.20
CA GLU A 245 -2.68 -1.91 -29.07
C GLU A 245 -2.20 -1.16 -30.31
N HIS A 246 -0.99 -1.43 -30.79
CA HIS A 246 -0.33 -0.66 -31.87
C HIS A 246 -0.58 -1.31 -33.25
N GLN A 247 -1.10 -2.54 -33.29
CA GLN A 247 -1.35 -3.28 -34.55
C GLN A 247 -0.06 -3.35 -35.36
N CYS A 248 1.08 -3.52 -34.70
CA CYS A 248 2.44 -3.55 -35.31
C CYS A 248 2.93 -4.99 -35.43
N SER A 249 4.13 -5.18 -35.99
CA SER A 249 4.80 -6.50 -36.14
C SER A 249 5.36 -6.94 -34.78
N LEU A 250 5.73 -8.21 -34.65
CA LEU A 250 6.36 -8.77 -33.42
C LEU A 250 7.72 -8.11 -33.20
N PRO A 251 8.64 -8.02 -34.19
CA PRO A 251 9.89 -7.28 -34.02
C PRO A 251 9.69 -5.85 -33.49
N GLU A 252 8.71 -5.11 -34.01
CA GLU A 252 8.41 -3.72 -33.57
C GLU A 252 7.93 -3.71 -32.12
N ALA A 253 7.05 -4.64 -31.76
CA ALA A 253 6.49 -4.77 -30.39
C ALA A 253 7.62 -5.06 -29.40
N ILE A 254 8.55 -5.95 -29.78
CA ILE A 254 9.76 -6.29 -28.98
C ILE A 254 10.60 -5.02 -28.80
N ASP A 255 10.82 -4.27 -29.89
CA ASP A 255 11.59 -3.00 -29.93
C ASP A 255 10.97 -1.99 -28.93
N ARG A 256 9.65 -1.84 -28.98
CA ARG A 256 8.88 -0.92 -28.09
C ARG A 256 8.98 -1.35 -26.62
N ALA A 257 8.95 -2.66 -26.35
CA ALA A 257 9.03 -3.23 -24.98
C ALA A 257 10.42 -2.94 -24.39
N LEU A 258 11.47 -3.10 -25.19
CA LEU A 258 12.87 -2.85 -24.77
C LEU A 258 13.08 -1.33 -24.56
N ASP A 259 12.45 -0.48 -25.36
CA ASP A 259 12.47 1.00 -25.14
C ASP A 259 11.84 1.32 -23.79
N LEU A 260 10.68 0.73 -23.47
CA LEU A 260 9.98 0.98 -22.18
C LEU A 260 10.85 0.50 -21.01
N HIS A 261 11.51 -0.64 -21.17
CA HIS A 261 12.48 -1.22 -20.19
C HIS A 261 13.64 -0.24 -19.97
N ALA A 262 14.32 0.20 -21.02
CA ALA A 262 15.46 1.16 -20.93
C ALA A 262 15.02 2.43 -20.19
N ARG A 263 13.84 2.94 -20.50
CA ARG A 263 13.30 4.19 -19.91
C ARG A 263 13.06 3.99 -18.41
N GLU A 264 12.62 2.80 -17.99
CA GLU A 264 12.23 2.49 -16.59
C GLU A 264 13.49 2.31 -15.73
N VAL A 265 14.57 1.79 -16.32
CA VAL A 265 15.92 1.72 -15.69
C VAL A 265 16.38 3.15 -15.35
N ALA A 266 16.30 4.08 -16.32
CA ALA A 266 16.71 5.49 -16.16
C ALA A 266 15.88 6.16 -15.06
N THR A 267 14.56 5.92 -15.04
CA THR A 267 13.63 6.41 -13.98
C THR A 267 14.09 5.88 -12.61
N PHE A 268 14.42 4.59 -12.50
CA PHE A 268 14.89 3.98 -11.23
C PHE A 268 16.19 4.67 -10.78
N VAL A 269 17.17 4.84 -11.69
CA VAL A 269 18.48 5.48 -11.40
C VAL A 269 18.24 6.92 -10.94
N ARG A 270 17.33 7.64 -11.61
CA ARG A 270 17.00 9.07 -11.32
CA ARG A 270 17.02 9.06 -11.32
C ARG A 270 16.39 9.17 -9.92
N LYS A 271 15.38 8.34 -9.63
CA LYS A 271 14.62 8.47 -8.37
C LYS A 271 15.46 8.02 -7.17
N ARG A 272 16.51 7.20 -7.37
CA ARG A 272 17.46 6.81 -6.27
C ARG A 272 18.06 8.07 -5.65
N THR A 273 18.30 9.13 -6.43
CA THR A 273 18.97 10.37 -5.97
C THR A 273 17.93 11.33 -5.37
N CYS A 274 16.67 10.90 -5.21
CA CYS A 274 15.55 11.76 -4.73
C CYS A 274 15.03 11.28 -3.36
N VAL A 275 15.69 10.32 -2.72
CA VAL A 275 15.31 9.83 -1.37
C VAL A 275 15.60 10.93 -0.35
N PRO A 276 14.61 11.41 0.43
CA PRO A 276 14.87 12.49 1.39
C PRO A 276 15.75 12.01 2.56
N TYR A 277 16.44 12.96 3.21
CA TYR A 277 17.22 12.70 4.45
C TYR A 277 16.25 12.73 5.63
N PHE A 278 16.01 11.58 6.26
CA PHE A 278 15.21 11.42 7.49
C PHE A 278 16.14 11.58 8.69
N ASP A 279 16.98 10.58 8.94
CA ASP A 279 18.12 10.61 9.91
C ASP A 279 19.12 9.53 9.51
N ALA A 280 20.29 9.52 10.14
CA ALA A 280 21.45 8.67 9.77
C ALA A 280 21.03 7.19 9.75
N ALA A 281 20.39 6.72 10.81
CA ALA A 281 20.03 5.29 11.01
C ALA A 281 18.96 4.87 9.99
N VAL A 282 17.96 5.73 9.74
CA VAL A 282 16.83 5.43 8.81
C VAL A 282 17.38 5.39 7.38
N ASN A 283 18.27 6.30 7.01
CA ASN A 283 18.76 6.39 5.60
C ASN A 283 19.75 5.25 5.33
N THR A 284 20.48 4.78 6.35
CA THR A 284 21.39 3.60 6.25
C THR A 284 20.56 2.37 5.89
N ALA A 285 19.52 2.08 6.68
CA ALA A 285 18.55 0.98 6.46
C ALA A 285 17.88 1.15 5.09
N LEU A 286 17.46 2.37 4.75
CA LEU A 286 16.73 2.67 3.50
C LEU A 286 17.62 2.35 2.30
N GLU A 287 18.92 2.65 2.37
CA GLU A 287 19.86 2.42 1.25
C GLU A 287 20.13 0.91 1.10
N LYS A 288 20.05 0.14 2.19
CA LYS A 288 20.14 -1.35 2.15
C LYS A 288 18.92 -1.91 1.40
N TYR A 289 17.72 -1.38 1.67
CA TYR A 289 16.49 -1.82 0.97
C TYR A 289 16.63 -1.54 -0.53
N VAL A 290 17.00 -0.31 -0.90
CA VAL A 290 17.07 0.14 -2.33
C VAL A 290 18.16 -0.67 -3.05
N THR A 291 19.30 -0.92 -2.41
CA THR A 291 20.35 -1.85 -2.91
C THR A 291 19.73 -3.24 -3.15
N GLY A 292 18.88 -3.70 -2.23
CA GLY A 292 18.12 -4.96 -2.37
C GLY A 292 17.31 -5.00 -3.66
N LEU A 293 16.65 -3.90 -4.01
CA LEU A 293 15.85 -3.78 -5.26
C LEU A 293 16.77 -3.94 -6.47
N GLN A 294 17.98 -3.38 -6.40
CA GLN A 294 19.00 -3.50 -7.49
C GLN A 294 19.40 -4.96 -7.64
N PHE A 295 19.68 -5.65 -6.53
CA PHE A 295 20.07 -7.08 -6.52
C PHE A 295 18.95 -7.89 -7.22
N TRP A 296 17.67 -7.57 -6.96
CA TRP A 296 16.51 -8.26 -7.58
C TRP A 296 16.46 -7.98 -9.08
N ILE A 297 16.60 -6.72 -9.49
CA ILE A 297 16.64 -6.34 -10.93
C ILE A 297 17.69 -7.22 -11.63
N CYS A 298 18.92 -7.29 -11.09
CA CYS A 298 20.04 -8.05 -11.69
C CYS A 298 19.78 -9.55 -11.62
N ALA A 299 19.28 -10.05 -10.49
CA ALA A 299 19.01 -11.49 -10.29
C ALA A 299 18.04 -11.97 -11.38
N ASN A 300 16.96 -11.22 -11.59
CA ASN A 300 15.89 -11.60 -12.55
C ASN A 300 16.52 -11.80 -13.94
N ARG A 301 17.27 -10.80 -14.41
CA ARG A 301 17.93 -10.78 -15.73
C ARG A 301 19.00 -11.88 -15.79
N ASP A 302 19.89 -11.93 -14.80
CA ASP A 302 21.09 -12.81 -14.82
C ASP A 302 20.64 -14.28 -14.85
N TRP A 303 19.69 -14.65 -13.99
CA TRP A 303 19.14 -16.03 -13.91
C TRP A 303 18.38 -16.37 -15.20
N SER A 304 17.56 -15.45 -15.72
CA SER A 304 16.60 -15.73 -16.81
C SER A 304 17.34 -15.95 -18.14
N LEU A 305 18.50 -15.33 -18.33
CA LEU A 305 19.27 -15.42 -19.61
C LEU A 305 19.85 -16.84 -19.78
N THR A 306 20.09 -17.56 -18.68
CA THR A 306 20.75 -18.89 -18.66
C THR A 306 19.74 -20.02 -18.34
N ALA A 307 18.57 -19.69 -17.79
CA ALA A 307 17.58 -20.67 -17.27
C ALA A 307 16.96 -21.47 -18.42
N THR A 308 16.77 -22.76 -18.19
CA THR A 308 16.08 -23.71 -19.10
C THR A 308 14.63 -23.22 -19.32
N ARG A 309 14.05 -22.55 -18.33
CA ARG A 309 12.64 -22.08 -18.34
C ARG A 309 12.33 -21.26 -19.61
N TYR A 310 13.27 -20.47 -20.10
CA TYR A 310 13.05 -19.53 -21.24
C TYR A 310 13.88 -19.95 -22.45
N ALA A 311 14.45 -21.16 -22.44
CA ALA A 311 15.34 -21.66 -23.52
C ALA A 311 14.49 -22.03 -24.75
N ASP B 2 0.48 39.51 7.46
CA ASP B 2 -0.79 39.24 6.73
C ASP B 2 -1.78 38.58 7.70
N GLN B 3 -2.67 39.37 8.31
CA GLN B 3 -3.69 38.89 9.28
C GLN B 3 -4.66 37.91 8.62
N ASP B 4 -4.86 38.02 7.30
CA ASP B 4 -5.87 37.26 6.51
C ASP B 4 -5.21 36.06 5.80
N TYR B 5 -4.18 35.46 6.41
CA TYR B 5 -3.44 34.29 5.84
C TYR B 5 -4.39 33.10 5.61
N ARG B 6 -5.43 32.98 6.44
CA ARG B 6 -6.44 31.89 6.32
C ARG B 6 -7.09 31.95 4.92
N ALA B 7 -7.28 33.14 4.35
CA ALA B 7 -7.97 33.39 3.06
C ALA B 7 -7.16 32.88 1.87
N ARG B 8 -5.89 32.49 2.09
CA ARG B 8 -4.98 31.95 1.04
C ARG B 8 -5.14 30.43 0.89
N LEU B 9 -5.99 29.79 1.71
CA LEU B 9 -6.33 28.35 1.61
C LEU B 9 -7.47 28.19 0.59
N VAL B 10 -7.13 28.25 -0.71
CA VAL B 10 -8.11 28.24 -1.83
C VAL B 10 -7.83 27.05 -2.75
N TYR B 11 -8.88 26.55 -3.40
CA TYR B 11 -8.83 25.39 -4.32
C TYR B 11 -9.51 25.82 -5.62
N PRO B 12 -9.04 25.33 -6.79
CA PRO B 12 -9.72 25.59 -8.05
C PRO B 12 -10.92 24.64 -8.28
N PHE B 13 -11.65 24.31 -7.21
CA PHE B 13 -12.86 23.46 -7.23
C PHE B 13 -13.64 23.71 -5.94
N SER B 14 -14.87 23.23 -5.89
CA SER B 14 -15.84 23.41 -4.78
C SER B 14 -16.30 22.05 -4.26
N GLY B 15 -16.81 22.03 -3.05
CA GLY B 15 -17.36 20.84 -2.39
C GLY B 15 -18.88 20.81 -2.48
N ALA B 16 -19.48 19.98 -1.64
CA ALA B 16 -20.94 19.84 -1.47
C ALA B 16 -21.19 19.30 -0.06
N ILE B 17 -22.44 19.32 0.37
CA ILE B 17 -22.84 18.80 1.70
C ILE B 17 -24.07 17.92 1.50
N SER B 18 -24.10 16.78 2.20
CA SER B 18 -25.26 15.85 2.24
C SER B 18 -26.47 16.61 2.76
N PRO B 19 -27.66 16.41 2.16
CA PRO B 19 -28.89 17.01 2.67
C PRO B 19 -29.28 16.50 4.07
N HIS B 20 -28.69 15.39 4.52
CA HIS B 20 -28.94 14.74 5.84
C HIS B 20 -28.04 15.32 6.95
N ALA B 21 -27.33 16.42 6.70
CA ALA B 21 -26.24 16.92 7.58
C ALA B 21 -26.69 17.01 9.05
N ASP B 22 -27.81 17.69 9.34
CA ASP B 22 -28.16 18.08 10.74
C ASP B 22 -28.65 16.88 11.54
N ILE B 23 -29.52 16.04 10.97
CA ILE B 23 -30.06 14.83 11.69
C ILE B 23 -28.89 13.88 11.95
N VAL B 24 -27.93 13.79 11.03
CA VAL B 24 -26.68 12.98 11.20
C VAL B 24 -25.84 13.57 12.35
N ASP B 25 -25.59 14.88 12.31
CA ASP B 25 -24.83 15.63 13.36
C ASP B 25 -25.47 15.40 14.73
N GLN B 26 -26.81 15.45 14.82
CA GLN B 26 -27.57 15.34 16.08
C GLN B 26 -27.47 13.88 16.58
N ALA B 27 -27.43 12.89 15.67
CA ALA B 27 -27.30 11.45 16.00
C ALA B 27 -25.89 11.12 16.46
N THR B 28 -24.87 11.77 15.89
CA THR B 28 -23.43 11.60 16.26
C THR B 28 -23.25 12.06 17.71
N LEU B 29 -23.78 13.25 18.04
CA LEU B 29 -23.74 13.83 19.40
C LEU B 29 -24.40 12.85 20.38
N ALA B 30 -25.56 12.30 20.03
CA ALA B 30 -26.34 11.34 20.85
C ALA B 30 -25.59 10.02 20.99
N TRP B 31 -24.90 9.57 19.93
CA TRP B 31 -24.06 8.34 19.93
C TRP B 31 -22.86 8.51 20.88
N ALA B 32 -22.23 9.68 20.85
CA ALA B 32 -21.05 10.04 21.69
C ALA B 32 -21.45 10.05 23.17
N ALA B 33 -22.65 10.54 23.48
CA ALA B 33 -23.21 10.58 24.84
C ALA B 33 -23.45 9.15 25.33
N MET B 34 -23.98 8.27 24.47
CA MET B 34 -24.34 6.87 24.80
C MET B 34 -23.09 6.05 25.16
N PHE B 35 -21.99 6.26 24.44
CA PHE B 35 -20.68 5.56 24.68
C PHE B 35 -19.82 6.37 25.66
N GLY B 36 -20.34 7.52 26.14
CA GLY B 36 -19.73 8.32 27.22
C GLY B 36 -18.38 8.88 26.82
N LEU B 37 -18.30 9.50 25.63
CA LEU B 37 -17.05 10.08 25.06
C LEU B 37 -16.98 11.58 25.38
N LEU B 38 -18.09 12.22 25.74
CA LEU B 38 -18.19 13.69 25.95
C LEU B 38 -17.56 14.09 27.28
N LYS B 45 -21.91 23.30 25.58
CA LYS B 45 -21.01 23.62 24.45
C LYS B 45 -20.92 22.44 23.47
N SER B 46 -21.47 21.28 23.83
CA SER B 46 -21.43 20.03 23.02
C SER B 46 -22.02 20.26 21.63
N ARG B 47 -23.08 21.06 21.51
CA ARG B 47 -23.83 21.27 20.24
C ARG B 47 -22.94 21.94 19.19
N ARG B 48 -21.87 22.62 19.61
CA ARG B 48 -21.01 23.40 18.70
C ARG B 48 -19.78 22.57 18.25
N LEU B 49 -19.71 21.27 18.63
CA LEU B 49 -18.68 20.34 18.10
C LEU B 49 -18.91 20.13 16.59
N GLN B 50 -20.13 19.77 16.19
CA GLN B 50 -20.60 19.76 14.77
C GLN B 50 -19.76 18.77 13.94
N TYR B 51 -19.39 17.61 14.49
CA TYR B 51 -18.54 16.61 13.81
C TYR B 51 -19.29 16.01 12.61
N GLY B 52 -20.61 15.84 12.74
CA GLY B 52 -21.47 15.31 11.65
C GLY B 52 -21.52 16.23 10.44
N LEU B 53 -21.35 17.54 10.65
CA LEU B 53 -21.32 18.55 9.56
C LEU B 53 -19.99 18.48 8.79
N LEU B 54 -18.92 17.95 9.40
CA LEU B 54 -17.66 17.62 8.67
C LEU B 54 -17.90 16.40 7.79
N ALA B 55 -18.40 15.31 8.38
CA ALA B 55 -18.76 14.06 7.68
C ALA B 55 -19.72 14.37 6.51
N ALA B 56 -20.73 15.21 6.72
CA ALA B 56 -21.77 15.54 5.71
C ALA B 56 -21.12 16.24 4.50
N ARG B 57 -20.00 16.93 4.71
CA ARG B 57 -19.25 17.61 3.62
C ARG B 57 -18.26 16.63 2.97
N ALA B 58 -17.66 15.73 3.73
CA ALA B 58 -16.64 14.76 3.27
C ALA B 58 -17.29 13.72 2.35
N TYR B 59 -18.49 13.27 2.67
CA TYR B 59 -19.22 12.19 1.94
C TYR B 59 -20.62 12.68 1.56
N PRO B 60 -20.71 13.68 0.66
CA PRO B 60 -21.98 14.37 0.41
C PRO B 60 -23.06 13.54 -0.31
N ARG B 61 -22.67 12.47 -1.00
CA ARG B 61 -23.58 11.62 -1.81
C ARG B 61 -23.86 10.29 -1.09
N ALA B 62 -23.42 10.15 0.16
CA ALA B 62 -23.58 8.90 0.95
C ALA B 62 -25.04 8.73 1.37
N ASP B 63 -25.52 7.48 1.35
CA ASP B 63 -26.82 7.10 1.98
C ASP B 63 -26.71 7.43 3.47
N ARG B 64 -27.83 7.72 4.12
CA ARG B 64 -27.85 8.25 5.51
C ARG B 64 -27.18 7.26 6.46
N GLU B 65 -27.45 5.97 6.33
CA GLU B 65 -26.86 4.92 7.21
C GLU B 65 -25.33 4.98 7.12
N MET B 66 -24.79 5.04 5.90
CA MET B 66 -23.31 5.03 5.66
C MET B 66 -22.71 6.33 6.19
N LEU B 67 -23.35 7.46 5.94
CA LEU B 67 -22.91 8.80 6.42
C LEU B 67 -22.84 8.80 7.96
N GLN B 68 -23.79 8.15 8.63
CA GLN B 68 -23.86 8.11 10.12
C GLN B 68 -22.66 7.36 10.69
N ILE B 69 -22.21 6.28 10.03
CA ILE B 69 -20.98 5.51 10.41
C ILE B 69 -19.78 6.44 10.29
N ALA B 70 -19.63 7.09 9.12
CA ALA B 70 -18.52 8.02 8.81
C ALA B 70 -18.46 9.13 9.87
N ALA B 71 -19.63 9.64 10.26
CA ALA B 71 -19.78 10.77 11.22
C ALA B 71 -19.35 10.32 12.62
N ASP B 72 -19.78 9.12 13.03
CA ASP B 72 -19.40 8.54 14.35
C ASP B 72 -17.90 8.24 14.34
N TRP B 73 -17.36 7.76 13.21
CA TRP B 73 -15.90 7.49 13.03
C TRP B 73 -15.11 8.80 13.15
N ILE B 74 -15.53 9.85 12.46
CA ILE B 74 -14.85 11.18 12.53
C ILE B 74 -14.90 11.71 13.98
N ALA B 75 -16.05 11.60 14.64
CA ALA B 75 -16.22 11.97 16.08
C ALA B 75 -15.22 11.18 16.93
N TRP B 76 -15.14 9.86 16.72
CA TRP B 76 -14.22 8.94 17.43
C TRP B 76 -12.78 9.48 17.31
N LEU B 77 -12.35 9.82 16.10
CA LEU B 77 -10.99 10.32 15.80
C LEU B 77 -10.72 11.63 16.57
N PHE B 78 -11.71 12.52 16.67
CA PHE B 78 -11.58 13.81 17.40
C PHE B 78 -11.43 13.54 18.90
N PHE B 79 -12.26 12.66 19.48
CA PHE B 79 -12.19 12.27 20.91
C PHE B 79 -10.80 11.66 21.20
N MET B 80 -10.37 10.70 20.38
CA MET B 80 -9.04 10.03 20.50
C MET B 80 -7.94 11.09 20.44
N ASP B 81 -8.02 11.96 19.43
CA ASP B 81 -6.95 12.94 19.13
C ASP B 81 -6.76 13.90 20.32
N ASP B 82 -7.85 14.26 21.02
CA ASP B 82 -7.77 15.23 22.14
C ASP B 82 -7.12 14.57 23.35
N GLN B 83 -7.29 13.25 23.52
CA GLN B 83 -6.52 12.45 24.53
C GLN B 83 -5.02 12.51 24.17
N CYS B 84 -4.67 12.23 22.92
CA CYS B 84 -3.28 12.20 22.40
C CYS B 84 -2.61 13.58 22.58
N ASP B 85 -3.34 14.66 22.28
CA ASP B 85 -2.76 16.00 22.02
C ASP B 85 -2.97 16.95 23.20
N GLU B 86 -3.89 16.67 24.13
CA GLU B 86 -4.21 17.60 25.25
C GLU B 86 -4.25 16.86 26.60
N THR B 87 -3.72 15.63 26.68
CA THR B 87 -3.82 14.75 27.88
C THR B 87 -2.47 14.06 28.14
N GLY B 88 -2.29 13.55 29.36
CA GLY B 88 -1.05 12.92 29.85
C GLY B 88 -0.70 11.64 29.10
N ILE B 89 -1.70 10.92 28.58
CA ILE B 89 -1.49 9.64 27.84
C ILE B 89 -0.63 9.90 26.60
N GLY B 90 -0.75 11.08 25.98
CA GLY B 90 0.03 11.47 24.78
C GLY B 90 1.49 11.76 25.08
N ARG B 91 1.88 11.83 26.36
CA ARG B 91 3.29 12.00 26.81
C ARG B 91 3.77 10.73 27.52
N ASP B 92 3.01 9.63 27.44
CA ASP B 92 3.29 8.34 28.14
C ASP B 92 3.19 7.18 27.14
N LEU B 93 4.33 6.68 26.65
CA LEU B 93 4.42 5.64 25.59
C LEU B 93 3.80 4.33 26.08
N GLN B 94 4.08 3.93 27.32
CA GLN B 94 3.70 2.61 27.88
C GLN B 94 2.17 2.53 28.00
N ARG B 95 1.51 3.62 28.41
CA ARG B 95 0.03 3.76 28.46
C ARG B 95 -0.56 3.72 27.05
N MET B 96 0.06 4.41 26.08
CA MET B 96 -0.39 4.44 24.66
C MET B 96 -0.36 3.02 24.09
N ILE B 97 0.77 2.30 24.27
CA ILE B 97 0.97 0.90 23.80
C ILE B 97 -0.17 0.03 24.35
N ALA B 98 -0.43 0.13 25.66
CA ALA B 98 -1.46 -0.66 26.41
C ALA B 98 -2.83 -0.44 25.77
N LEU B 99 -3.17 0.81 25.44
CA LEU B 99 -4.47 1.22 24.84
C LEU B 99 -4.58 0.72 23.40
N HIS B 100 -3.53 0.90 22.60
CA HIS B 100 -3.49 0.49 21.16
C HIS B 100 -3.65 -1.02 21.04
N GLU B 101 -3.00 -1.79 21.93
CA GLU B 101 -3.09 -3.27 21.97
C GLU B 101 -4.56 -3.69 22.15
N ARG B 102 -5.34 -2.90 22.90
CA ARG B 102 -6.79 -3.14 23.11
C ARG B 102 -7.55 -2.76 21.83
N PHE B 103 -7.20 -1.64 21.19
CA PHE B 103 -7.79 -1.20 19.91
C PHE B 103 -7.50 -2.25 18.83
N LEU B 104 -6.24 -2.67 18.70
CA LEU B 104 -5.79 -3.63 17.65
C LEU B 104 -6.51 -4.96 17.83
N ALA B 105 -6.78 -5.37 19.07
CA ALA B 105 -7.59 -6.57 19.39
C ALA B 105 -9.01 -6.37 18.86
N ILE B 106 -9.65 -5.26 19.23
CA ILE B 106 -11.05 -4.92 18.82
C ILE B 106 -11.12 -4.85 17.28
N LEU B 107 -10.06 -4.39 16.62
CA LEU B 107 -9.98 -4.28 15.13
C LEU B 107 -9.90 -5.67 14.50
N ASP B 108 -9.25 -6.63 15.17
CA ASP B 108 -9.17 -8.05 14.74
C ASP B 108 -10.51 -8.75 15.00
N GLY B 109 -11.38 -8.14 15.82
CA GLY B 109 -12.80 -8.53 15.96
C GLY B 109 -13.14 -9.11 17.33
N ALA B 110 -12.31 -8.88 18.34
CA ALA B 110 -12.51 -9.35 19.73
C ALA B 110 -13.56 -8.46 20.42
N THR B 111 -14.35 -9.04 21.32
CA THR B 111 -15.40 -8.35 22.11
C THR B 111 -14.74 -7.54 23.24
N PRO B 112 -15.15 -6.28 23.48
CA PRO B 112 -14.69 -5.54 24.65
C PRO B 112 -14.99 -6.26 25.97
N GLU B 113 -14.32 -5.84 27.05
CA GLU B 113 -14.45 -6.43 28.42
C GLU B 113 -14.75 -5.30 29.41
N ALA B 114 -15.04 -5.65 30.67
CA ALA B 114 -15.44 -4.71 31.75
C ALA B 114 -14.32 -3.69 32.01
N HIS B 115 -13.08 -4.02 31.66
CA HIS B 115 -11.87 -3.19 31.92
C HIS B 115 -11.57 -2.22 30.77
N ASP B 116 -12.25 -2.38 29.62
CA ASP B 116 -11.99 -1.57 28.40
C ASP B 116 -12.67 -0.20 28.56
N CYS B 117 -12.00 0.86 28.10
CA CYS B 117 -12.47 2.28 28.18
C CYS B 117 -13.55 2.53 27.13
N ALA B 118 -14.11 3.76 27.12
CA ALA B 118 -15.20 4.21 26.23
C ALA B 118 -14.77 4.08 24.76
N LEU B 119 -13.58 4.59 24.41
CA LEU B 119 -13.02 4.57 23.04
C LEU B 119 -12.98 3.13 22.51
N THR B 120 -12.65 2.16 23.37
CA THR B 120 -12.53 0.72 22.97
C THR B 120 -13.93 0.18 22.64
N TYR B 121 -14.94 0.45 23.48
CA TYR B 121 -16.34 0.04 23.24
C TYR B 121 -16.84 0.68 21.93
N ALA B 122 -16.59 1.98 21.76
CA ALA B 122 -17.05 2.78 20.60
C ALA B 122 -16.40 2.28 19.31
N LEU B 123 -15.12 1.91 19.36
CA LEU B 123 -14.38 1.36 18.18
C LEU B 123 -15.01 0.03 17.77
N ALA B 124 -15.36 -0.81 18.75
CA ALA B 124 -16.00 -2.13 18.56
C ALA B 124 -17.36 -1.97 17.86
N ASP B 125 -18.12 -0.93 18.23
CA ASP B 125 -19.43 -0.59 17.61
C ASP B 125 -19.22 -0.20 16.15
N LEU B 126 -18.18 0.59 15.84
CA LEU B 126 -17.90 1.06 14.46
C LEU B 126 -17.45 -0.13 13.59
N ARG B 127 -16.60 -1.02 14.12
CA ARG B 127 -16.13 -2.21 13.37
C ARG B 127 -17.33 -3.08 13.02
N ARG B 128 -18.20 -3.34 14.01
CA ARG B 128 -19.44 -4.14 13.84
C ARG B 128 -20.27 -3.56 12.69
N ARG B 129 -20.49 -2.25 12.72
CA ARG B 129 -21.35 -1.54 11.74
C ARG B 129 -20.68 -1.55 10.35
N LEU B 130 -19.36 -1.36 10.29
CA LEU B 130 -18.58 -1.42 9.03
C LEU B 130 -18.60 -2.85 8.46
N ALA B 131 -18.60 -3.87 9.31
CA ALA B 131 -18.60 -5.30 8.90
C ALA B 131 -19.95 -5.67 8.26
N LEU B 132 -21.01 -4.90 8.52
CA LEU B 132 -22.36 -5.12 7.90
C LEU B 132 -22.44 -4.42 6.52
N ARG B 133 -21.47 -3.56 6.16
CA ARG B 133 -21.54 -2.74 4.91
C ARG B 133 -20.38 -3.04 3.96
N ALA B 134 -19.29 -3.67 4.41
CA ALA B 134 -18.02 -3.77 3.66
C ALA B 134 -17.47 -5.20 3.72
N PRO B 135 -16.84 -5.69 2.62
CA PRO B 135 -16.21 -7.02 2.61
C PRO B 135 -14.84 -7.05 3.33
N ASP B 136 -14.27 -8.25 3.48
CA ASP B 136 -13.05 -8.53 4.28
C ASP B 136 -11.85 -7.78 3.66
N ASN B 137 -11.71 -7.83 2.33
CA ASN B 137 -10.69 -7.06 1.57
C ASN B 137 -10.69 -5.61 2.10
N TRP B 138 -11.87 -5.03 2.29
CA TRP B 138 -12.04 -3.62 2.71
C TRP B 138 -11.66 -3.45 4.19
N LEU B 139 -12.23 -4.28 5.08
CA LEU B 139 -11.95 -4.23 6.54
C LEU B 139 -10.44 -4.32 6.78
N ARG B 140 -9.73 -5.16 6.02
CA ARG B 140 -8.26 -5.36 6.16
C ARG B 140 -7.54 -4.04 5.81
N ARG B 141 -7.88 -3.43 4.67
CA ARG B 141 -7.21 -2.17 4.20
C ARG B 141 -7.47 -1.06 5.23
N PHE B 142 -8.71 -0.92 5.69
CA PHE B 142 -9.14 0.10 6.68
C PHE B 142 -8.38 -0.11 8.00
N SER B 143 -8.33 -1.36 8.48
CA SER B 143 -7.68 -1.73 9.77
C SER B 143 -6.20 -1.34 9.74
N GLU B 144 -5.51 -1.66 8.64
CA GLU B 144 -4.07 -1.36 8.46
C GLU B 144 -3.84 0.16 8.47
N HIS B 145 -4.73 0.95 7.85
CA HIS B 145 -4.63 2.43 7.84
C HIS B 145 -4.82 2.96 9.26
N VAL B 146 -5.78 2.42 10.01
CA VAL B 146 -6.02 2.78 11.44
C VAL B 146 -4.79 2.37 12.26
N ARG B 147 -4.24 1.17 12.01
CA ARG B 147 -3.04 0.64 12.70
C ARG B 147 -1.89 1.64 12.53
N LEU B 148 -1.68 2.11 11.30
CA LEU B 148 -0.62 3.08 10.94
C LEU B 148 -0.88 4.42 11.64
N TYR B 149 -2.15 4.78 11.84
CA TYR B 149 -2.57 5.97 12.62
C TYR B 149 -2.12 5.79 14.08
N PHE B 150 -2.38 4.63 14.69
CA PHE B 150 -1.93 4.35 16.07
C PHE B 150 -0.40 4.41 16.15
N THR B 151 0.30 3.86 15.15
CA THR B 151 1.79 3.88 15.08
C THR B 151 2.25 5.34 14.99
N ALA B 152 1.60 6.17 14.17
CA ALA B 152 1.92 7.61 14.04
C ALA B 152 1.75 8.31 15.40
N ASN B 153 0.68 7.99 16.14
CA ASN B 153 0.38 8.59 17.47
C ASN B 153 1.50 8.25 18.47
N ARG B 154 2.04 7.02 18.42
CA ARG B 154 3.13 6.56 19.32
C ARG B 154 4.42 7.31 18.95
N TRP B 155 4.66 7.52 17.66
CA TRP B 155 5.78 8.33 17.12
C TRP B 155 5.70 9.75 17.72
N GLU B 156 4.50 10.34 17.77
CA GLU B 156 4.26 11.68 18.35
C GLU B 156 4.61 11.67 19.85
N THR B 157 4.24 10.59 20.56
CA THR B 157 4.42 10.45 22.03
C THR B 157 5.91 10.44 22.37
N VAL B 158 6.73 9.72 21.59
CA VAL B 158 8.20 9.63 21.77
C VAL B 158 8.82 11.02 21.49
N ASN B 159 8.31 11.74 20.49
CA ASN B 159 8.76 13.14 20.19
C ASN B 159 8.52 14.02 21.43
N ARG B 160 7.33 13.91 22.03
CA ARG B 160 6.93 14.72 23.22
C ARG B 160 7.83 14.35 24.41
N GLN B 161 8.01 13.05 24.67
CA GLN B 161 8.80 12.52 25.82
C GLN B 161 10.26 12.94 25.69
N ARG B 162 10.82 12.88 24.48
CA ARG B 162 12.24 13.21 24.20
C ARG B 162 12.43 14.71 24.02
N GLY B 163 11.34 15.48 23.83
CA GLY B 163 11.40 16.91 23.53
C GLY B 163 12.04 17.19 22.17
N ALA B 164 11.92 16.23 21.23
CA ALA B 164 12.51 16.28 19.88
C ALA B 164 11.50 16.86 18.89
N THR B 165 11.96 17.68 17.93
CA THR B 165 11.18 18.13 16.77
C THR B 165 11.76 17.46 15.52
N PRO B 166 10.94 16.74 14.72
CA PRO B 166 11.44 16.12 13.50
C PRO B 166 11.79 17.20 12.48
N ASN B 167 12.59 16.86 11.47
CA ASN B 167 12.86 17.72 10.28
C ASN B 167 11.59 17.71 9.41
N VAL B 168 11.59 18.52 8.35
CA VAL B 168 10.42 18.70 7.43
C VAL B 168 10.13 17.35 6.76
N ALA B 169 11.14 16.69 6.21
CA ALA B 169 11.01 15.40 5.49
C ALA B 169 10.33 14.36 6.39
N THR B 170 10.81 14.22 7.62
CA THR B 170 10.31 13.20 8.59
C THR B 170 8.88 13.56 8.99
N TYR B 171 8.63 14.82 9.36
CA TYR B 171 7.29 15.28 9.79
C TYR B 171 6.26 14.98 8.69
N CYS B 172 6.55 15.45 7.47
CA CYS B 172 5.63 15.35 6.30
C CYS B 172 5.30 13.88 6.00
N ALA B 173 6.31 13.01 6.06
CA ALA B 173 6.18 11.55 5.81
C ALA B 173 5.27 10.89 6.86
N ALA B 174 5.39 11.29 8.14
CA ALA B 174 4.61 10.72 9.28
C ALA B 174 3.23 11.37 9.36
N ARG B 175 3.14 12.67 9.04
CA ARG B 175 1.87 13.45 9.06
C ARG B 175 0.83 12.75 8.16
N LEU B 176 1.26 12.13 7.06
CA LEU B 176 0.37 11.35 6.17
C LEU B 176 -0.39 10.27 6.97
N PHE B 177 0.11 9.81 8.11
CA PHE B 177 -0.55 8.73 8.91
C PHE B 177 -1.17 9.27 10.21
N SER B 178 -0.61 10.33 10.81
CA SER B 178 -1.03 10.86 12.14
C SER B 178 -2.45 11.45 12.11
N GLY B 179 -2.95 11.83 10.92
CA GLY B 179 -4.28 12.44 10.74
C GLY B 179 -5.37 11.43 10.46
N ALA B 180 -5.02 10.17 10.17
CA ALA B 180 -5.95 9.05 9.84
C ALA B 180 -6.70 9.34 8.53
N VAL B 181 -6.14 10.18 7.65
CA VAL B 181 -6.82 10.62 6.39
C VAL B 181 -7.01 9.40 5.48
N TYR B 182 -6.00 8.51 5.38
CA TYR B 182 -6.08 7.32 4.49
C TYR B 182 -7.25 6.43 4.94
N ALA B 183 -7.49 6.31 6.25
CA ALA B 183 -8.64 5.54 6.79
C ALA B 183 -9.95 6.21 6.35
N CYS B 184 -10.00 7.54 6.36
CA CYS B 184 -11.19 8.32 5.93
C CYS B 184 -11.39 8.17 4.41
N PHE B 185 -10.31 8.14 3.62
CA PHE B 185 -10.37 7.92 2.15
C PHE B 185 -10.97 6.53 1.84
N ASP B 186 -10.66 5.51 2.66
CA ASP B 186 -11.17 4.13 2.46
C ASP B 186 -12.71 4.14 2.49
N LEU B 187 -13.31 5.05 3.26
CA LEU B 187 -14.78 5.16 3.39
C LEU B 187 -15.42 5.73 2.12
N ILE B 188 -14.65 6.38 1.23
CA ILE B 188 -15.21 6.95 -0.03
C ILE B 188 -15.84 5.82 -0.85
N GLU B 189 -15.18 4.65 -0.92
CA GLU B 189 -15.65 3.46 -1.68
C GLU B 189 -17.06 3.09 -1.21
N LEU B 190 -17.31 3.11 0.10
CA LEU B 190 -18.63 2.72 0.68
C LEU B 190 -19.63 3.86 0.46
N ALA B 191 -19.21 5.11 0.61
CA ALA B 191 -20.08 6.30 0.37
C ALA B 191 -20.60 6.27 -1.07
N GLU B 192 -19.72 5.96 -2.03
CA GLU B 192 -20.02 6.02 -3.48
C GLU B 192 -20.46 4.64 -4.02
N GLN B 193 -20.38 3.58 -3.21
CA GLN B 193 -20.74 2.20 -3.61
C GLN B 193 -20.00 1.85 -4.92
N ILE B 194 -18.67 1.92 -4.88
CA ILE B 194 -17.80 1.57 -6.05
C ILE B 194 -16.89 0.42 -5.64
N GLU B 195 -16.60 -0.46 -6.60
CA GLU B 195 -15.57 -1.51 -6.49
C GLU B 195 -14.51 -1.20 -7.54
N LEU B 196 -13.36 -0.69 -7.12
CA LEU B 196 -12.17 -0.53 -7.98
C LEU B 196 -11.42 -1.86 -8.00
N PRO B 197 -11.01 -2.37 -9.17
CA PRO B 197 -10.17 -3.55 -9.22
C PRO B 197 -8.78 -3.18 -8.65
N PHE B 198 -8.08 -4.19 -8.13
CA PHE B 198 -6.73 -4.11 -7.51
C PHE B 198 -5.79 -3.18 -8.32
N TYR B 199 -5.75 -3.33 -9.64
CA TYR B 199 -4.74 -2.67 -10.51
C TYR B 199 -4.99 -1.16 -10.56
N ALA B 200 -6.26 -0.74 -10.42
CA ALA B 200 -6.69 0.67 -10.41
C ALA B 200 -6.58 1.24 -8.98
N ARG B 201 -7.02 0.47 -7.98
CA ARG B 201 -7.01 0.90 -6.55
C ARG B 201 -5.59 1.32 -6.16
N HIS B 202 -4.58 0.56 -6.59
CA HIS B 202 -3.16 0.72 -6.17
C HIS B 202 -2.31 1.35 -7.28
N HIS B 203 -2.93 1.83 -8.37
CA HIS B 203 -2.18 2.49 -9.47
C HIS B 203 -1.34 3.63 -8.91
N SER B 204 -0.12 3.83 -9.44
CA SER B 204 0.84 4.85 -8.97
C SER B 204 0.19 6.25 -8.96
N ILE B 205 -0.60 6.59 -9.99
CA ILE B 205 -1.21 7.93 -10.11
C ILE B 205 -2.29 8.09 -9.04
N VAL B 206 -3.03 7.02 -8.74
CA VAL B 206 -4.07 7.04 -7.68
C VAL B 206 -3.38 7.24 -6.34
N GLN B 207 -2.28 6.52 -6.08
CA GLN B 207 -1.48 6.67 -4.84
C GLN B 207 -1.01 8.12 -4.71
N GLN B 208 -0.60 8.74 -5.82
CA GLN B 208 -0.02 10.11 -5.81
C GLN B 208 -1.13 11.13 -5.61
N LEU B 209 -2.33 10.88 -6.15
CA LEU B 209 -3.54 11.72 -5.89
C LEU B 209 -3.92 11.63 -4.40
N GLU B 210 -3.92 10.44 -3.80
CA GLU B 210 -4.22 10.23 -2.36
C GLU B 210 -3.19 10.96 -1.48
N GLN B 211 -1.90 10.85 -1.80
CA GLN B 211 -0.79 11.50 -1.04
C GLN B 211 -0.97 13.03 -1.10
N ALA B 212 -1.24 13.57 -2.30
CA ALA B 212 -1.39 15.02 -2.52
C ALA B 212 -2.60 15.55 -1.73
N ALA B 213 -3.75 14.86 -1.82
CA ALA B 213 -4.99 15.22 -1.10
C ALA B 213 -4.73 15.16 0.41
N ASN B 214 -4.06 14.10 0.88
CA ASN B 214 -3.69 13.91 2.31
C ASN B 214 -2.83 15.09 2.78
N ASN B 215 -1.76 15.42 2.04
CA ASN B 215 -0.84 16.54 2.34
C ASN B 215 -1.63 17.87 2.39
N ILE B 216 -2.50 18.10 1.41
CA ILE B 216 -3.31 19.35 1.33
C ILE B 216 -4.14 19.45 2.61
N ILE B 217 -4.85 18.38 2.96
CA ILE B 217 -5.79 18.36 4.12
C ILE B 217 -4.99 18.60 5.42
N CYS B 218 -3.85 17.93 5.58
CA CYS B 218 -3.02 18.02 6.81
C CYS B 218 -2.35 19.39 6.91
N TRP B 219 -1.86 19.94 5.81
CA TRP B 219 -1.10 21.21 5.83
C TRP B 219 -2.09 22.36 6.02
N CYS B 220 -3.30 22.25 5.46
CA CYS B 220 -4.42 23.17 5.72
C CYS B 220 -4.74 23.16 7.22
N ASN B 221 -4.91 21.98 7.80
CA ASN B 221 -5.15 21.81 9.26
C ASN B 221 -4.02 22.47 10.06
N ASP B 222 -2.77 22.23 9.68
CA ASP B 222 -1.57 22.73 10.42
C ASP B 222 -1.62 24.25 10.51
N VAL B 223 -2.00 24.93 9.42
CA VAL B 223 -2.10 26.42 9.36
C VAL B 223 -3.23 26.90 10.28
N LEU B 224 -4.35 26.17 10.34
CA LEU B 224 -5.54 26.58 11.13
C LEU B 224 -5.40 26.18 12.60
N SER B 225 -4.50 25.24 12.95
CA SER B 225 -4.45 24.60 14.29
C SER B 225 -3.14 24.86 15.05
N TYR B 226 -2.17 25.60 14.48
CA TYR B 226 -0.87 25.87 15.16
C TYR B 226 -1.09 26.67 16.44
N PRO B 227 -2.05 27.63 16.53
CA PRO B 227 -2.24 28.38 17.76
C PRO B 227 -2.58 27.47 18.96
N LYS B 228 -3.60 26.59 18.82
CA LYS B 228 -4.06 25.72 19.93
C LYS B 228 -2.98 24.69 20.26
N GLU B 229 -2.20 24.26 19.26
CA GLU B 229 -1.11 23.26 19.40
C GLU B 229 0.08 23.91 20.14
N MET B 230 0.44 25.15 19.81
CA MET B 230 1.45 25.94 20.56
C MET B 230 1.02 26.06 22.03
N GLN B 231 -0.27 26.31 22.27
CA GLN B 231 -0.83 26.54 23.64
C GLN B 231 -0.70 25.27 24.49
N HIS B 232 -0.61 24.09 23.87
CA HIS B 232 -0.40 22.79 24.56
C HIS B 232 1.08 22.38 24.48
N GLY B 233 1.95 23.26 23.98
CA GLY B 233 3.40 23.02 23.84
C GLY B 233 3.73 21.89 22.88
N ASP B 234 2.87 21.66 21.88
CA ASP B 234 2.99 20.55 20.90
C ASP B 234 3.73 21.08 19.66
N ARG B 235 4.40 20.20 18.91
CA ARG B 235 5.31 20.58 17.80
C ARG B 235 5.01 19.75 16.53
N HIS B 236 3.85 19.10 16.45
CA HIS B 236 3.43 18.27 15.29
C HIS B 236 2.58 19.11 14.35
N ASN B 237 3.25 20.03 13.65
CA ASN B 237 2.62 21.10 12.83
C ASN B 237 3.64 21.60 11.81
N LEU B 238 3.29 21.63 10.52
CA LEU B 238 4.22 22.03 9.44
C LEU B 238 4.81 23.40 9.78
N VAL B 239 3.96 24.34 10.22
CA VAL B 239 4.38 25.75 10.52
C VAL B 239 5.51 25.70 11.55
N LEU B 240 5.32 24.96 12.64
CA LEU B 240 6.28 24.87 13.78
C LEU B 240 7.55 24.11 13.33
N VAL B 241 7.40 23.03 12.55
CA VAL B 241 8.54 22.20 12.07
C VAL B 241 9.39 23.04 11.09
N ILE B 242 8.74 23.79 10.19
CA ILE B 242 9.44 24.72 9.24
C ILE B 242 10.20 25.78 10.06
N GLN B 243 9.54 26.35 11.08
CA GLN B 243 10.11 27.43 11.93
C GLN B 243 11.43 26.94 12.53
N GLY B 244 11.42 25.74 13.12
CA GLY B 244 12.59 25.09 13.75
C GLY B 244 13.68 24.81 12.73
N GLU B 245 13.33 24.22 11.59
CA GLU B 245 14.30 23.78 10.55
C GLU B 245 15.01 25.00 9.94
N HIS B 246 14.26 26.06 9.61
CA HIS B 246 14.76 27.26 8.90
C HIS B 246 15.19 28.36 9.88
N GLN B 247 14.83 28.24 11.16
CA GLN B 247 15.14 29.26 12.21
C GLN B 247 14.61 30.61 11.74
N CYS B 248 13.40 30.64 11.18
CA CYS B 248 12.74 31.85 10.63
C CYS B 248 11.66 32.33 11.61
N SER B 249 11.07 33.50 11.32
CA SER B 249 9.94 34.09 12.09
C SER B 249 8.69 33.23 11.89
N LEU B 250 7.72 33.34 12.80
CA LEU B 250 6.42 32.60 12.72
C LEU B 250 5.70 32.97 11.43
N PRO B 251 5.59 34.28 11.05
CA PRO B 251 4.99 34.65 9.78
C PRO B 251 5.69 34.05 8.54
N GLU B 252 7.02 33.98 8.54
CA GLU B 252 7.79 33.40 7.41
C GLU B 252 7.41 31.92 7.28
N ALA B 253 7.35 31.21 8.40
CA ALA B 253 6.99 29.77 8.51
C ALA B 253 5.56 29.56 7.98
N ILE B 254 4.63 30.46 8.29
CA ILE B 254 3.21 30.39 7.81
C ILE B 254 3.19 30.59 6.29
N ASP B 255 3.92 31.58 5.78
CA ASP B 255 4.09 31.86 4.33
C ASP B 255 4.65 30.62 3.63
N ARG B 256 5.69 29.99 4.20
CA ARG B 256 6.32 28.77 3.64
C ARG B 256 5.30 27.63 3.62
N ALA B 257 4.57 27.41 4.73
CA ALA B 257 3.52 26.37 4.83
C ALA B 257 2.49 26.59 3.71
N LEU B 258 2.05 27.84 3.52
CA LEU B 258 1.00 28.19 2.53
C LEU B 258 1.52 28.00 1.11
N ASP B 259 2.82 28.22 0.85
CA ASP B 259 3.46 27.97 -0.48
C ASP B 259 3.45 26.47 -0.77
N LEU B 260 3.79 25.63 0.21
CA LEU B 260 3.79 24.15 0.05
C LEU B 260 2.35 23.67 -0.18
N HIS B 261 1.37 24.23 0.53
CA HIS B 261 -0.08 23.91 0.36
C HIS B 261 -0.50 24.23 -1.09
N ALA B 262 -0.25 25.45 -1.55
CA ALA B 262 -0.62 25.91 -2.92
C ALA B 262 0.05 25.02 -3.99
N ARG B 263 1.34 24.72 -3.80
CA ARG B 263 2.13 23.87 -4.72
CA ARG B 263 2.12 23.87 -4.73
C ARG B 263 1.48 22.48 -4.81
N GLU B 264 1.06 21.94 -3.67
CA GLU B 264 0.45 20.59 -3.55
C GLU B 264 -0.92 20.58 -4.23
N VAL B 265 -1.68 21.67 -4.13
CA VAL B 265 -2.98 21.83 -4.83
C VAL B 265 -2.72 21.74 -6.34
N ALA B 266 -1.70 22.43 -6.86
CA ALA B 266 -1.33 22.42 -8.29
C ALA B 266 -0.96 21.00 -8.72
N THR B 267 -0.23 20.26 -7.86
CA THR B 267 0.18 18.85 -8.11
C THR B 267 -1.07 17.96 -8.19
N PHE B 268 -2.01 18.12 -7.26
CA PHE B 268 -3.25 17.31 -7.23
C PHE B 268 -3.99 17.47 -8.56
N VAL B 269 -4.29 18.71 -8.97
CA VAL B 269 -5.14 18.95 -10.18
C VAL B 269 -4.37 18.49 -11.44
N ARG B 270 -3.04 18.63 -11.48
CA ARG B 270 -2.21 18.16 -12.63
CA ARG B 270 -2.19 18.16 -12.62
C ARG B 270 -2.30 16.63 -12.73
N LYS B 271 -2.12 15.92 -11.62
CA LYS B 271 -2.09 14.44 -11.62
C LYS B 271 -3.47 13.87 -11.98
N ARG B 272 -4.56 14.61 -11.77
CA ARG B 272 -5.92 14.18 -12.21
C ARG B 272 -5.93 14.01 -13.74
N THR B 273 -5.23 14.87 -14.47
CA THR B 273 -5.19 14.85 -15.96
C THR B 273 -4.25 13.75 -16.45
N CYS B 274 -3.60 12.99 -15.54
CA CYS B 274 -2.64 11.91 -15.87
C CYS B 274 -3.20 10.52 -15.55
N VAL B 275 -4.44 10.42 -15.07
CA VAL B 275 -5.10 9.12 -14.81
C VAL B 275 -5.22 8.40 -16.14
N PRO B 276 -4.67 7.17 -16.29
CA PRO B 276 -4.79 6.42 -17.54
C PRO B 276 -6.24 6.00 -17.84
N TYR B 277 -6.51 5.68 -19.11
CA TYR B 277 -7.76 5.00 -19.54
C TYR B 277 -7.54 3.49 -19.43
N PHE B 278 -8.25 2.88 -18.47
CA PHE B 278 -8.28 1.41 -18.23
C PHE B 278 -9.43 0.81 -19.04
N ASP B 279 -10.69 1.09 -18.67
CA ASP B 279 -11.91 0.76 -19.45
C ASP B 279 -13.07 1.63 -18.94
N ALA B 280 -14.18 1.69 -19.66
CA ALA B 280 -15.31 2.61 -19.39
C ALA B 280 -15.77 2.49 -17.92
N ALA B 281 -16.02 1.26 -17.45
CA ALA B 281 -16.57 0.97 -16.10
C ALA B 281 -15.57 1.39 -15.02
N VAL B 282 -14.29 1.01 -15.19
CA VAL B 282 -13.24 1.26 -14.16
C VAL B 282 -13.01 2.78 -14.06
N ASN B 283 -12.96 3.48 -15.20
CA ASN B 283 -12.72 4.95 -15.20
C ASN B 283 -13.93 5.68 -14.60
N THR B 284 -15.16 5.21 -14.83
CA THR B 284 -16.39 5.77 -14.20
C THR B 284 -16.24 5.69 -12.68
N ALA B 285 -15.88 4.50 -12.16
CA ALA B 285 -15.66 4.25 -10.72
C ALA B 285 -14.51 5.13 -10.20
N LEU B 286 -13.41 5.25 -10.94
CA LEU B 286 -12.21 6.04 -10.53
C LEU B 286 -12.57 7.52 -10.40
N GLU B 287 -13.32 8.07 -11.35
CA GLU B 287 -13.78 9.48 -11.36
C GLU B 287 -14.54 9.76 -10.06
N LYS B 288 -15.41 8.84 -9.64
CA LYS B 288 -16.18 9.00 -8.37
C LYS B 288 -15.21 9.04 -7.20
N TYR B 289 -14.19 8.16 -7.19
CA TYR B 289 -13.21 8.09 -6.09
C TYR B 289 -12.41 9.40 -6.02
N VAL B 290 -11.87 9.84 -7.14
CA VAL B 290 -10.99 11.06 -7.19
C VAL B 290 -11.85 12.30 -6.86
N THR B 291 -13.10 12.33 -7.29
CA THR B 291 -14.07 13.40 -6.93
C THR B 291 -14.28 13.37 -5.41
N GLY B 292 -14.31 12.17 -4.81
CA GLY B 292 -14.37 12.00 -3.35
C GLY B 292 -13.18 12.63 -2.64
N LEU B 293 -11.97 12.48 -3.19
CA LEU B 293 -10.75 13.12 -2.64
C LEU B 293 -10.94 14.64 -2.63
N GLN B 294 -11.50 15.21 -3.71
CA GLN B 294 -11.76 16.68 -3.80
C GLN B 294 -12.82 17.09 -2.77
N PHE B 295 -13.90 16.32 -2.62
CA PHE B 295 -14.94 16.59 -1.59
C PHE B 295 -14.26 16.67 -0.22
N TRP B 296 -13.33 15.76 0.08
CA TRP B 296 -12.58 15.75 1.37
C TRP B 296 -11.70 16.99 1.50
N ILE B 297 -11.00 17.39 0.44
CA ILE B 297 -10.13 18.60 0.48
C ILE B 297 -11.01 19.80 0.87
N CYS B 298 -12.16 19.95 0.22
CA CYS B 298 -13.12 21.07 0.46
C CYS B 298 -13.75 20.95 1.84
N ALA B 299 -14.16 19.74 2.24
CA ALA B 299 -14.81 19.49 3.55
C ALA B 299 -13.88 19.98 4.67
N ASN B 300 -12.61 19.58 4.64
CA ASN B 300 -11.61 19.89 5.71
C ASN B 300 -11.53 21.41 5.89
N ARG B 301 -11.38 22.15 4.80
CA ARG B 301 -11.20 23.63 4.80
C ARG B 301 -12.53 24.29 5.18
N ASP B 302 -13.63 23.95 4.51
CA ASP B 302 -14.96 24.60 4.70
C ASP B 302 -15.39 24.45 6.16
N TRP B 303 -15.30 23.25 6.73
CA TRP B 303 -15.68 22.95 8.14
C TRP B 303 -14.73 23.69 9.11
N SER B 304 -13.42 23.60 8.87
CA SER B 304 -12.37 24.07 9.81
C SER B 304 -12.41 25.60 9.96
N LEU B 305 -12.80 26.33 8.91
CA LEU B 305 -12.82 27.82 8.95
C LEU B 305 -13.91 28.29 9.92
N THR B 306 -14.98 27.52 10.10
CA THR B 306 -16.17 27.90 10.92
C THR B 306 -16.21 27.10 12.24
N ALA B 307 -15.35 26.11 12.45
CA ALA B 307 -15.41 25.23 13.64
C ALA B 307 -14.84 25.96 14.86
N THR B 308 -15.56 25.88 15.99
CA THR B 308 -15.13 26.41 17.30
C THR B 308 -13.76 25.83 17.67
N ARG B 309 -13.48 24.60 17.23
CA ARG B 309 -12.23 23.83 17.50
C ARG B 309 -10.98 24.67 17.21
N TYR B 310 -10.97 25.47 16.14
CA TYR B 310 -9.78 26.28 15.70
C TYR B 310 -10.02 27.78 15.94
N ALA B 311 -11.06 28.15 16.70
CA ALA B 311 -11.42 29.56 17.01
C ALA B 311 -10.32 30.19 17.88
MG MG C . 4.09 -17.87 -16.50
MG MG D . 6.45 -14.38 -18.33
MG MG E . 2.05 -16.07 -14.67
P1 POP F . 5.15 -14.91 -15.49
O1 POP F . 5.02 -14.05 -14.26
O2 POP F . 5.28 -14.08 -16.76
O3 POP F . 4.06 -15.94 -15.58
O POP F . 6.53 -15.73 -15.37
P2 POP F . 7.21 -16.77 -16.42
O4 POP F . 8.48 -17.26 -15.79
O5 POP F . 7.44 -15.96 -17.67
O6 POP F . 6.20 -17.87 -16.62
C4 A1IWZ G . 10.15 -13.98 -9.12
C6 A1IWZ G . 9.24 -13.29 -8.17
C7 A1IWZ G . 9.68 -15.32 -9.61
C8 A1IWZ G . 8.41 -15.81 -9.10
C10 A1IWZ G . 6.29 -16.12 -10.40
C13 A1IWZ G . 7.56 -13.96 -10.36
C15 A1IWZ G . 8.21 -12.66 -12.33
C3 A1IWZ G . 10.41 -13.07 -10.31
C2 A1IWZ G . 9.53 -11.93 -10.40
C1 A1IWZ G . 9.20 -11.83 -11.84
C16 A1IWZ G . 7.88 -12.49 -13.60
C14 A1IWZ G . 7.48 -13.64 -11.68
C9 A1IWZ G . 7.14 -15.08 -9.67
C11 A1IWZ G . 5.29 -15.43 -11.34
C12 A1IWZ G . 7.21 -17.00 -11.12
O6 BU3 H . -12.46 -13.29 -3.48
C3 BU3 H . -11.93 -13.72 -2.26
C2 BU3 H . -11.87 -15.29 -2.33
C1 BU3 H . -11.33 -15.71 -3.69
O6 BU3 I . 3.14 -0.16 -3.05
C3 BU3 I . 2.23 -1.08 -3.63
C4 BU3 I . 1.58 -0.43 -4.83
C2 BU3 I . 1.19 -1.62 -2.55
O5 BU3 I . 1.86 -2.35 -1.54
C1 BU3 I . 0.09 -2.50 -3.12
O6 BU3 J . -4.36 -13.92 -29.99
C3 BU3 J . -4.26 -14.29 -28.64
C4 BU3 J . -3.10 -13.52 -28.02
C2 BU3 J . -4.12 -15.87 -28.47
O5 BU3 J . -2.93 -16.34 -29.06
C1 BU3 J . -5.29 -16.66 -29.07
O6 BU3 K . -0.30 4.30 -0.54
C3 BU3 K . -0.39 4.81 0.77
C4 BU3 K . 0.80 4.33 1.60
C2 BU3 K . -1.80 4.42 1.42
O5 BU3 K . -1.84 3.04 1.76
C1 BU3 K . -2.98 4.77 0.52
C1 EDO L . -1.67 2.68 -32.78
O1 EDO L . -1.74 3.78 -33.65
C2 EDO L . -1.46 3.04 -31.36
O2 EDO L . -2.65 3.07 -30.58
MG MG M . -4.95 17.52 17.53
MG MG N . -3.65 20.23 13.89
MG MG O . -3.10 14.86 16.55
P1 POP P . -4.37 16.99 14.41
O1 POP P . -4.39 15.86 13.41
O2 POP P . -3.49 18.14 13.97
O3 POP P . -4.06 16.53 15.80
O POP P . -5.88 17.58 14.46
P2 POP P . -6.42 18.92 15.17
O4 POP P . -7.87 19.07 14.76
O5 POP P . -5.55 20.03 14.64
O6 POP P . -6.26 18.70 16.64
C4 A1IWZ Q . -10.32 14.00 9.42
C6 A1IWZ Q . -9.61 12.73 9.05
C7 A1IWZ Q . -10.64 14.19 10.89
C8 A1IWZ Q . -10.19 13.25 11.92
C10 A1IWZ Q . -8.28 13.27 13.54
C13 A1IWZ Q . -8.03 13.88 11.11
C15 A1IWZ Q . -6.88 15.90 10.25
C3 A1IWZ Q . -9.48 15.20 8.94
C2 A1IWZ Q . -8.15 14.84 8.45
C1 A1IWZ Q . -7.17 15.85 8.90
C16 A1IWZ Q . -6.09 16.88 10.66
C14 A1IWZ Q . -7.28 15.02 11.25
C9 A1IWZ Q . -8.66 13.08 12.06
C11 A1IWZ Q . -6.80 13.61 13.68
C12 A1IWZ Q . -9.12 14.36 14.05
O1 MES R . -8.87 11.92 -19.37
C2 MES R . -7.78 12.34 -18.58
C3 MES R . -7.90 11.80 -17.18
N4 MES R . -9.28 12.04 -16.68
C5 MES R . -10.25 11.12 -17.38
C7 MES R . -9.34 11.89 -15.18
C8 MES R . -10.36 10.89 -14.69
S MES R . -10.55 10.95 -12.93
O1S MES R . -9.52 11.83 -12.44
O2S MES R . -10.38 9.60 -12.46
O3S MES R . -11.87 11.48 -12.71
O6 BU3 S . 2.64 -2.03 19.33
C3 BU3 S . 1.47 -2.81 19.43
C4 BU3 S . 1.85 -4.34 19.37
C1 EDO T . 1.81 35.34 7.64
O1 EDO T . 2.65 36.36 7.14
C2 EDO T . 0.82 35.84 8.62
O2 EDO T . 1.16 35.60 9.97
#